data_5JXP
#
_entry.id   5JXP
#
_cell.length_a   88.022
_cell.length_b   103.990
_cell.length_c   111.392
_cell.angle_alpha   90.000
_cell.angle_beta   104.940
_cell.angle_gamma   90.000
#
_symmetry.space_group_name_H-M   'C 1 2 1'
#
loop_
_entity.id
_entity.type
_entity.pdbx_description
1 polymer 'Asp/Glu-specific dipeptidyl-peptidase'
2 non-polymer 'CALCIUM ION'
3 non-polymer 'CHLORIDE ION'
4 water water
#
_entity_poly.entity_id   1
_entity_poly.type   'polypeptide(L)'
_entity_poly.pdbx_seq_one_letter_code
;MDGGMWLMQQINGQVARMKSLGMQLEAADIYNPNGSSLKDAVVMFDGGCTGVLVSNQGLLLTNHHCGYDQIQKHSSVQHN
YLKDGFWSYSLAEELVNPGLEVEIVDEITDVTAAVKKELERIKKPSGLEFLSPRYLSSLAPEIVGKKAASRPGYRYEIKA
FYGGNRYYMFTKKVFRDVRLVAAPPSSIGKFGSDTDNWAWPRHTGDFSIFRLYADKNGNPAEYSKDNVPYRPKRWVKVNA
QGVKEGDFALIMGYPGTTYKFFTADEVTEWSEIDNNIRIEMRGILQDVMLREMLADPKINIMYAAKYASSQNGYKRAQGA
NWAIRRRSLREIKLAQQQEVLAWAKQKGIATTEEAVRAISKAIEGRQDLRMRQRYLLEGILMGIEMSNAPAADSDIADHW
DDPARREAGLQSIRKQFEAFFNKDYSPEVEKDQLAIALLTRYAERIPAEKQPISIREGIAEYGSAKAYVEMIFDKSIYAS
RERFEEFMKNPDRDRLLRDPMSRFAASVAYEHQKLAKEVAAFDAPLAAAQRSYVASVLDMKGQPNLAPDANLTLRFTYGE
IKGYQPRDVVTYGAKSTLEGVMEKEDPNNWEYVVDPKLKALYEAKNYGRYANSDGSMPVNFCATTHTTGGNAGSPVMNAR
GELIGLNFDRNWEGVGGDIEYLPNYQRSIILDIRYLLFIIDKFAGCQRLIDEIQPQFHHHHHH
;
_entity_poly.pdbx_strand_id   A
#
loop_
_chem_comp.id
_chem_comp.type
_chem_comp.name
_chem_comp.formula
CA non-polymer 'CALCIUM ION' 'Ca 2'
CL non-polymer 'CHLORIDE ION' 'Cl -1'
#
# COMPACT_ATOMS: atom_id res chain seq x y z
N MET A 1 8.91 7.35 -18.11
CA MET A 1 10.19 7.83 -18.62
C MET A 1 11.02 8.39 -17.48
N ASP A 2 10.55 9.47 -16.87
CA ASP A 2 11.24 10.08 -15.75
C ASP A 2 10.46 9.86 -14.45
N GLY A 3 10.34 8.60 -14.05
CA GLY A 3 9.60 8.26 -12.85
C GLY A 3 10.46 7.60 -11.79
N GLY A 4 11.69 8.09 -11.66
CA GLY A 4 12.62 7.56 -10.69
C GLY A 4 12.20 7.79 -9.26
N MET A 5 12.26 6.74 -8.46
CA MET A 5 12.00 6.84 -7.02
C MET A 5 13.33 6.88 -6.28
N TRP A 6 13.86 8.08 -6.12
CA TRP A 6 15.23 8.28 -5.68
C TRP A 6 15.43 8.01 -4.19
N LEU A 7 16.59 7.44 -3.87
CA LEU A 7 17.03 7.29 -2.49
C LEU A 7 17.18 8.66 -1.86
N MET A 8 17.09 8.72 -0.53
CA MET A 8 17.26 9.99 0.17
C MET A 8 18.69 10.50 0.01
N GLN A 9 19.64 9.57 -0.11
CA GLN A 9 21.05 9.93 -0.28
C GLN A 9 21.34 10.55 -1.64
N GLN A 10 20.46 10.28 -2.60
CA GLN A 10 20.64 10.75 -3.97
C GLN A 10 20.10 12.16 -4.16
N ILE A 11 19.79 12.82 -3.06
CA ILE A 11 19.26 14.18 -3.09
C ILE A 11 20.26 15.15 -3.73
N ASN A 12 21.54 14.90 -3.51
CA ASN A 12 22.60 15.74 -4.06
C ASN A 12 22.67 15.67 -5.57
N GLY A 13 22.48 14.47 -6.12
CA GLY A 13 22.57 14.26 -7.55
C GLY A 13 21.27 14.54 -8.29
N GLN A 14 20.30 15.12 -7.59
CA GLN A 14 19.00 15.41 -8.18
C GLN A 14 18.56 16.85 -7.92
N VAL A 15 19.20 17.51 -6.95
CA VAL A 15 18.78 18.84 -6.52
C VAL A 15 18.87 19.86 -7.65
N ALA A 16 19.87 19.72 -8.52
CA ALA A 16 20.06 20.65 -9.62
C ALA A 16 18.88 20.62 -10.58
N ARG A 17 18.48 19.42 -10.98
CA ARG A 17 17.35 19.25 -11.89
C ARG A 17 16.05 19.76 -11.27
N MET A 18 15.89 19.55 -9.98
CA MET A 18 14.67 19.95 -9.28
C MET A 18 14.52 21.48 -9.20
N LYS A 19 15.63 22.18 -8.96
CA LYS A 19 15.60 23.63 -8.85
C LYS A 19 15.31 24.29 -10.20
N SER A 20 15.66 23.58 -11.28
CA SER A 20 15.37 24.08 -12.62
C SER A 20 13.90 23.87 -12.97
N LEU A 21 13.24 23.01 -12.20
CA LEU A 21 11.81 22.78 -12.36
C LEU A 21 11.02 23.73 -11.45
N GLY A 22 11.74 24.51 -10.64
CA GLY A 22 11.12 25.53 -9.83
C GLY A 22 11.28 25.35 -8.33
N MET A 23 11.95 24.28 -7.90
CA MET A 23 12.11 24.03 -6.47
C MET A 23 13.04 25.06 -5.83
N GLN A 24 12.67 25.51 -4.64
CA GLN A 24 13.45 26.51 -3.92
C GLN A 24 14.12 25.90 -2.69
N LEU A 25 13.78 24.65 -2.40
CA LEU A 25 14.39 23.92 -1.28
C LEU A 25 15.88 23.67 -1.52
N GLU A 26 16.61 23.53 -0.43
CA GLU A 26 17.99 23.08 -0.51
C GLU A 26 18.03 21.57 -0.29
N ALA A 27 19.13 20.93 -0.68
CA ALA A 27 19.25 19.48 -0.57
C ALA A 27 19.17 19.03 0.89
N ALA A 28 19.77 19.80 1.79
CA ALA A 28 19.78 19.46 3.21
C ALA A 28 18.40 19.60 3.84
N ASP A 29 17.56 20.42 3.23
CA ASP A 29 16.19 20.61 3.72
C ASP A 29 15.34 19.37 3.48
N ILE A 30 15.70 18.62 2.43
CA ILE A 30 14.97 17.41 2.09
C ILE A 30 15.54 16.21 2.84
N TYR A 31 16.86 16.03 2.75
CA TYR A 31 17.54 15.00 3.54
C TYR A 31 18.82 15.52 4.16
N ASN A 32 18.92 15.38 5.47
CA ASN A 32 20.12 15.78 6.21
C ASN A 32 20.56 14.67 7.16
N PRO A 33 21.75 14.11 6.94
CA PRO A 33 22.28 13.04 7.79
C PRO A 33 22.80 13.55 9.14
N ASN A 34 22.84 14.86 9.33
CA ASN A 34 23.37 15.42 10.57
C ASN A 34 22.41 16.41 11.23
N GLY A 35 21.21 16.52 10.69
CA GLY A 35 20.22 17.43 11.23
C GLY A 35 18.80 17.02 10.88
N SER A 36 17.86 17.91 11.14
CA SER A 36 16.45 17.64 10.84
C SER A 36 16.13 18.05 9.41
N SER A 37 15.33 17.22 8.73
CA SER A 37 14.87 17.52 7.38
C SER A 37 13.49 16.92 7.18
N LEU A 38 13.00 16.96 5.94
CA LEU A 38 11.68 16.43 5.63
C LEU A 38 11.59 14.93 5.87
N LYS A 39 12.75 14.28 5.93
CA LYS A 39 12.85 12.85 6.23
C LYS A 39 12.15 12.51 7.55
N ASP A 40 12.39 13.33 8.56
CA ASP A 40 11.87 13.09 9.91
C ASP A 40 10.37 13.31 10.01
N ALA A 41 9.76 13.81 8.93
CA ALA A 41 8.34 14.14 8.94
C ALA A 41 7.51 13.11 8.17
N VAL A 42 8.16 12.38 7.28
CA VAL A 42 7.46 11.40 6.44
C VAL A 42 7.55 10.01 7.06
N VAL A 43 6.43 9.55 7.62
CA VAL A 43 6.41 8.32 8.40
C VAL A 43 5.78 7.14 7.66
N MET A 44 6.11 5.94 8.10
CA MET A 44 5.47 4.72 7.59
C MET A 44 4.30 4.33 8.47
N PHE A 45 3.11 4.34 7.90
CA PHE A 45 1.89 4.06 8.65
C PHE A 45 1.41 2.63 8.43
N ASP A 46 1.30 1.88 9.52
CA ASP A 46 0.78 0.51 9.51
C ASP A 46 1.59 -0.42 8.60
N GLY A 47 2.82 -0.03 8.28
CA GLY A 47 3.71 -0.88 7.52
C GLY A 47 3.56 -0.80 6.01
N GLY A 48 2.35 -0.51 5.54
CA GLY A 48 2.08 -0.49 4.11
C GLY A 48 1.66 0.86 3.58
N CYS A 49 1.46 1.82 4.47
CA CYS A 49 1.03 3.16 4.06
C CYS A 49 2.05 4.22 4.43
N THR A 50 1.76 5.45 4.04
CA THR A 50 2.64 6.59 4.33
C THR A 50 1.84 7.68 5.05
N GLY A 51 2.50 8.38 5.98
CA GLY A 51 1.88 9.48 6.68
C GLY A 51 2.82 10.67 6.78
N VAL A 52 2.26 11.83 7.13
CA VAL A 52 3.07 13.03 7.27
C VAL A 52 2.73 13.78 8.57
N LEU A 53 3.77 14.21 9.28
CA LEU A 53 3.59 14.97 10.52
C LEU A 53 3.45 16.46 10.21
N VAL A 54 2.40 17.09 10.72
CA VAL A 54 2.07 18.46 10.34
C VAL A 54 1.98 19.43 11.51
N SER A 55 2.38 18.99 12.71
CA SER A 55 2.39 19.88 13.87
C SER A 55 3.51 19.52 14.84
N ASN A 56 3.73 20.38 15.82
CA ASN A 56 4.72 20.11 16.86
C ASN A 56 4.16 19.21 17.94
N GLN A 57 2.90 18.81 17.78
CA GLN A 57 2.25 17.90 18.71
C GLN A 57 2.00 16.54 18.05
N GLY A 58 2.72 16.29 16.96
CA GLY A 58 2.71 14.98 16.32
C GLY A 58 1.46 14.63 15.55
N LEU A 59 0.77 15.64 15.01
CA LEU A 59 -0.43 15.39 14.23
C LEU A 59 -0.07 14.68 12.93
N LEU A 60 -0.78 13.59 12.63
CA LEU A 60 -0.44 12.74 11.50
C LEU A 60 -1.55 12.70 10.45
N LEU A 61 -1.19 13.00 9.21
CA LEU A 61 -2.13 12.92 8.09
C LEU A 61 -1.85 11.71 7.22
N THR A 62 -2.91 11.01 6.84
CA THR A 62 -2.81 9.86 5.93
C THR A 62 -4.13 9.68 5.18
N ASN A 63 -4.28 8.57 4.48
CA ASN A 63 -5.50 8.32 3.72
C ASN A 63 -6.64 7.78 4.57
N HIS A 64 -7.81 7.64 3.96
CA HIS A 64 -8.97 7.08 4.64
C HIS A 64 -8.87 5.56 4.71
N HIS A 65 -8.21 4.95 3.73
CA HIS A 65 -8.06 3.49 3.75
C HIS A 65 -7.02 3.03 4.76
N CYS A 66 -5.97 3.82 4.95
CA CYS A 66 -4.87 3.42 5.81
C CYS A 66 -5.29 3.37 7.28
N GLY A 67 -6.29 4.17 7.64
CA GLY A 67 -6.79 4.19 9.01
C GLY A 67 -8.16 3.55 9.14
N TYR A 68 -8.59 2.85 8.09
CA TYR A 68 -9.92 2.23 8.07
C TYR A 68 -10.11 1.23 9.21
N ASP A 69 -9.12 0.37 9.41
CA ASP A 69 -9.19 -0.64 10.47
C ASP A 69 -9.42 0.00 11.83
N GLN A 70 -8.77 1.13 12.06
CA GLN A 70 -8.91 1.85 13.32
C GLN A 70 -10.28 2.49 13.45
N ILE A 71 -10.76 3.10 12.35
CA ILE A 71 -12.08 3.72 12.34
C ILE A 71 -13.17 2.66 12.52
N GLN A 72 -12.97 1.50 11.90
CA GLN A 72 -13.95 0.42 11.98
C GLN A 72 -13.98 -0.20 13.39
N LYS A 73 -12.81 -0.42 13.97
CA LYS A 73 -12.73 -1.00 15.31
C LYS A 73 -13.41 -0.12 16.35
N HIS A 74 -13.39 1.19 16.13
CA HIS A 74 -13.96 2.14 17.07
C HIS A 74 -15.40 2.49 16.73
N SER A 75 -15.92 1.88 15.67
CA SER A 75 -17.29 2.16 15.24
C SER A 75 -18.30 1.22 15.90
N SER A 76 -19.50 1.75 16.14
CA SER A 76 -20.59 0.97 16.72
C SER A 76 -21.91 1.43 16.13
N VAL A 77 -23.02 0.88 16.64
CA VAL A 77 -24.34 1.26 16.17
C VAL A 77 -24.69 2.68 16.61
N GLN A 78 -24.41 2.99 17.87
CA GLN A 78 -24.70 4.31 18.42
C GLN A 78 -23.76 5.38 17.86
N HIS A 79 -22.49 5.03 17.69
CA HIS A 79 -21.51 5.96 17.12
C HIS A 79 -20.80 5.33 15.93
N ASN A 80 -21.44 5.42 14.76
CA ASN A 80 -20.87 4.86 13.54
C ASN A 80 -19.85 5.80 12.91
N TYR A 81 -18.61 5.72 13.36
CA TYR A 81 -17.54 6.57 12.86
C TYR A 81 -17.21 6.28 11.40
N LEU A 82 -17.47 5.04 10.98
CA LEU A 82 -17.17 4.63 9.63
C LEU A 82 -18.08 5.34 8.62
N LYS A 83 -19.34 5.53 9.01
CA LYS A 83 -20.32 6.19 8.16
C LYS A 83 -20.36 7.69 8.39
N ASP A 84 -20.46 8.10 9.65
CA ASP A 84 -20.67 9.50 10.00
C ASP A 84 -19.37 10.27 10.18
N GLY A 85 -18.25 9.56 10.28
CA GLY A 85 -16.98 10.20 10.53
C GLY A 85 -16.70 10.36 12.01
N PHE A 86 -15.49 10.77 12.35
CA PHE A 86 -15.12 10.99 13.75
C PHE A 86 -14.34 12.30 13.89
N TRP A 87 -14.64 13.05 14.95
CA TRP A 87 -13.97 14.31 15.21
C TRP A 87 -13.78 14.53 16.71
N SER A 88 -12.54 14.44 17.15
CA SER A 88 -12.20 14.65 18.56
C SER A 88 -11.91 16.13 18.83
N TYR A 89 -12.58 16.69 19.83
CA TYR A 89 -12.45 18.11 20.13
C TYR A 89 -11.42 18.40 21.21
N SER A 90 -10.77 17.35 21.70
CA SER A 90 -9.68 17.51 22.67
C SER A 90 -8.73 16.32 22.63
N LEU A 91 -7.55 16.49 23.22
CA LEU A 91 -6.55 15.44 23.27
C LEU A 91 -7.07 14.17 23.94
N ALA A 92 -7.95 14.36 24.92
CA ALA A 92 -8.48 13.24 25.70
C ALA A 92 -9.52 12.43 24.91
N GLU A 93 -10.06 13.04 23.85
CA GLU A 93 -11.09 12.38 23.06
C GLU A 93 -10.51 11.55 21.92
N GLU A 94 -9.20 11.58 21.78
CA GLU A 94 -8.52 10.82 20.74
C GLU A 94 -8.47 9.34 21.09
N LEU A 95 -8.89 8.50 20.15
CA LEU A 95 -9.10 7.08 20.40
C LEU A 95 -7.83 6.25 20.32
N VAL A 96 -7.62 5.41 21.33
CA VAL A 96 -6.44 4.55 21.41
C VAL A 96 -6.54 3.37 20.44
N ASN A 97 -5.45 3.10 19.71
CA ASN A 97 -5.44 2.00 18.75
C ASN A 97 -4.38 0.96 19.06
N PRO A 98 -4.77 -0.12 19.76
CA PRO A 98 -3.87 -1.24 20.08
C PRO A 98 -3.35 -1.93 18.83
N GLY A 99 -2.03 -2.09 18.74
CA GLY A 99 -1.42 -2.81 17.64
C GLY A 99 -0.89 -1.90 16.54
N LEU A 100 -1.48 -0.72 16.40
CA LEU A 100 -1.09 0.22 15.36
C LEU A 100 0.33 0.72 15.57
N GLU A 101 1.16 0.61 14.53
CA GLU A 101 2.55 1.05 14.61
C GLU A 101 2.90 2.05 13.53
N VAL A 102 3.71 3.04 13.89
CA VAL A 102 4.20 4.04 12.95
C VAL A 102 5.70 4.19 13.10
N GLU A 103 6.41 4.07 11.99
CA GLU A 103 7.88 4.12 12.02
C GLU A 103 8.44 5.41 11.43
N ILE A 104 9.45 5.96 12.09
CA ILE A 104 10.16 7.13 11.61
C ILE A 104 11.63 6.79 11.36
N VAL A 105 12.12 7.16 10.19
CA VAL A 105 13.53 6.94 9.85
C VAL A 105 14.43 7.84 10.70
N ASP A 106 15.20 7.23 11.59
CA ASP A 106 16.10 7.98 12.45
C ASP A 106 17.38 8.31 11.70
N GLU A 107 17.92 7.33 10.99
CA GLU A 107 19.12 7.51 10.18
C GLU A 107 19.24 6.39 9.15
N ILE A 108 19.99 6.65 8.09
CA ILE A 108 20.22 5.64 7.06
C ILE A 108 21.71 5.39 6.86
N THR A 109 22.08 4.12 6.74
CA THR A 109 23.49 3.74 6.68
C THR A 109 23.76 2.74 5.55
N ASP A 110 24.87 2.94 4.83
CA ASP A 110 25.30 2.01 3.81
C ASP A 110 26.02 0.84 4.46
N VAL A 111 25.46 -0.36 4.33
CA VAL A 111 26.05 -1.56 4.92
C VAL A 111 26.26 -2.64 3.86
N THR A 112 26.56 -2.21 2.64
CA THR A 112 26.74 -3.11 1.51
C THR A 112 27.86 -4.13 1.75
N ALA A 113 29.04 -3.63 2.09
CA ALA A 113 30.19 -4.51 2.32
C ALA A 113 29.96 -5.42 3.52
N ALA A 114 29.27 -4.91 4.53
CA ALA A 114 28.99 -5.68 5.74
C ALA A 114 28.04 -6.84 5.48
N VAL A 115 26.94 -6.55 4.78
CA VAL A 115 25.95 -7.58 4.45
C VAL A 115 26.54 -8.65 3.54
N LYS A 116 27.26 -8.21 2.51
CA LYS A 116 27.89 -9.12 1.56
C LYS A 116 28.88 -10.07 2.25
N LYS A 117 29.63 -9.53 3.21
CA LYS A 117 30.59 -10.33 3.96
C LYS A 117 29.85 -11.32 4.86
N GLU A 118 28.66 -10.94 5.30
CA GLU A 118 27.85 -11.80 6.16
C GLU A 118 27.17 -12.90 5.37
N LEU A 119 26.97 -12.66 4.07
CA LEU A 119 26.33 -13.63 3.20
C LEU A 119 27.28 -14.76 2.82
N GLU A 120 28.57 -14.46 2.79
CA GLU A 120 29.58 -15.46 2.47
C GLU A 120 29.75 -16.45 3.61
N ARG A 121 29.25 -16.07 4.78
CA ARG A 121 29.35 -16.88 5.99
C ARG A 121 28.45 -18.13 5.91
N ILE A 122 27.42 -18.04 5.08
CA ILE A 122 26.45 -19.13 4.95
C ILE A 122 27.07 -20.40 4.37
N LYS A 123 26.89 -21.51 5.07
CA LYS A 123 27.39 -22.80 4.63
C LYS A 123 26.80 -23.19 3.27
N LYS A 124 25.57 -23.70 3.29
CA LYS A 124 24.86 -24.07 2.07
C LYS A 124 23.61 -23.21 1.93
N PRO A 125 23.68 -22.17 1.09
CA PRO A 125 22.62 -21.16 0.94
C PRO A 125 21.48 -21.61 0.02
N SER A 126 20.29 -21.11 0.29
CA SER A 126 19.12 -21.37 -0.54
C SER A 126 19.24 -20.62 -1.86
N GLY A 127 19.80 -19.42 -1.79
CA GLY A 127 20.00 -18.60 -2.98
C GLY A 127 19.10 -17.38 -3.02
N LEU A 128 18.25 -17.24 -1.99
CA LEU A 128 17.30 -16.13 -1.96
C LEU A 128 17.42 -15.29 -0.69
N GLU A 129 18.35 -15.66 0.18
CA GLU A 129 18.51 -14.97 1.46
C GLU A 129 19.15 -13.58 1.28
N PHE A 130 19.77 -13.35 0.14
CA PHE A 130 20.41 -12.06 -0.12
C PHE A 130 19.40 -11.02 -0.57
N LEU A 131 18.14 -11.44 -0.72
CA LEU A 131 17.06 -10.53 -1.08
C LEU A 131 16.00 -10.47 0.02
N SER A 132 15.99 -11.47 0.89
CA SER A 132 14.99 -11.54 1.95
C SER A 132 15.22 -10.50 3.04
N PRO A 133 14.29 -9.54 3.17
CA PRO A 133 14.42 -8.46 4.15
C PRO A 133 14.37 -8.97 5.59
N ARG A 134 13.75 -10.12 5.81
CA ARG A 134 13.68 -10.71 7.14
C ARG A 134 15.06 -11.23 7.56
N TYR A 135 15.72 -11.92 6.66
CA TYR A 135 17.06 -12.44 6.92
C TYR A 135 18.06 -11.30 7.08
N LEU A 136 17.99 -10.33 6.17
CA LEU A 136 18.93 -9.21 6.16
C LEU A 136 18.83 -8.36 7.41
N SER A 137 17.62 -8.25 7.96
CA SER A 137 17.40 -7.45 9.16
C SER A 137 17.93 -8.14 10.42
N SER A 138 18.17 -9.45 10.32
CA SER A 138 18.69 -10.20 11.45
C SER A 138 20.20 -10.03 11.58
N LEU A 139 20.81 -9.47 10.55
CA LEU A 139 22.25 -9.24 10.54
C LEU A 139 22.59 -7.90 11.20
N ALA A 140 21.55 -7.18 11.59
CA ALA A 140 21.69 -5.84 12.16
C ALA A 140 22.38 -5.78 13.54
N PRO A 141 22.03 -6.69 14.47
CA PRO A 141 22.71 -6.60 15.78
C PRO A 141 24.23 -6.77 15.70
N GLU A 142 24.71 -7.50 14.70
CA GLU A 142 26.14 -7.70 14.52
C GLU A 142 26.80 -6.45 13.96
N ILE A 143 26.00 -5.57 13.37
CA ILE A 143 26.52 -4.37 12.74
C ILE A 143 26.54 -3.19 13.71
N VAL A 144 25.45 -3.01 14.46
CA VAL A 144 25.34 -1.91 15.40
C VAL A 144 25.93 -2.27 16.77
N ALA A 149 23.33 -4.28 21.98
CA ALA A 149 23.29 -2.86 22.26
C ALA A 149 22.10 -2.19 21.57
N SER A 150 21.02 -2.94 21.38
CA SER A 150 19.84 -2.43 20.69
C SER A 150 18.75 -1.96 21.66
N ARG A 151 18.60 -0.64 21.69
CA ARG A 151 17.60 0.07 22.49
C ARG A 151 16.17 -0.41 22.28
N PRO A 152 15.25 -0.09 23.21
CA PRO A 152 13.85 -0.41 22.96
C PRO A 152 13.16 0.66 22.12
N GLY A 153 12.07 0.31 21.44
CA GLY A 153 11.39 1.24 20.56
C GLY A 153 12.15 1.53 19.29
N TYR A 154 13.13 0.68 18.98
CA TYR A 154 13.92 0.84 17.77
C TYR A 154 13.95 -0.45 16.95
N ARG A 155 13.79 -0.32 15.65
CA ARG A 155 13.89 -1.46 14.74
C ARG A 155 14.95 -1.16 13.69
N TYR A 156 15.75 -2.18 13.35
CA TYR A 156 16.77 -2.00 12.34
C TYR A 156 16.41 -2.78 11.08
N GLU A 157 16.10 -2.05 10.03
CA GLU A 157 15.65 -2.63 8.77
C GLU A 157 16.74 -2.61 7.72
N ILE A 158 17.06 -3.79 7.18
CA ILE A 158 18.06 -3.89 6.12
C ILE A 158 17.44 -4.57 4.90
N LYS A 159 17.54 -3.93 3.74
CA LYS A 159 16.96 -4.47 2.52
C LYS A 159 17.92 -4.39 1.34
N ALA A 160 17.66 -5.20 0.32
CA ALA A 160 18.49 -5.24 -0.86
C ALA A 160 18.07 -4.14 -1.85
N PHE A 161 19.07 -3.51 -2.46
CA PHE A 161 18.82 -2.48 -3.46
C PHE A 161 19.57 -2.86 -4.74
N TYR A 162 19.02 -2.46 -5.89
CA TYR A 162 19.60 -2.78 -7.19
C TYR A 162 19.79 -4.28 -7.39
N GLY A 163 18.84 -5.06 -6.89
CA GLY A 163 18.89 -6.50 -7.05
C GLY A 163 19.93 -7.19 -6.20
N GLY A 164 20.39 -6.49 -5.16
CA GLY A 164 21.35 -7.08 -4.23
C GLY A 164 22.77 -6.56 -4.40
N ASN A 165 22.93 -5.49 -5.16
CA ASN A 165 24.24 -4.88 -5.36
C ASN A 165 24.55 -3.84 -4.28
N ARG A 166 23.51 -3.36 -3.63
CA ARG A 166 23.66 -2.45 -2.50
C ARG A 166 22.78 -2.90 -1.33
N TYR A 167 23.22 -2.57 -0.11
CA TYR A 167 22.41 -2.83 1.07
C TYR A 167 22.42 -1.63 1.99
N TYR A 168 21.25 -1.05 2.22
CA TYR A 168 21.12 0.10 3.10
C TYR A 168 20.31 -0.25 4.35
N MET A 169 20.79 0.23 5.50
CA MET A 169 20.13 -0.05 6.77
C MET A 169 19.33 1.16 7.26
N PHE A 170 18.09 0.90 7.69
CA PHE A 170 17.23 1.96 8.18
C PHE A 170 16.94 1.80 9.67
N THR A 171 17.37 2.78 10.46
CA THR A 171 17.08 2.79 11.89
C THR A 171 15.72 3.44 12.13
N LYS A 172 14.78 2.66 12.64
CA LYS A 172 13.41 3.11 12.79
C LYS A 172 13.00 3.36 14.24
N LYS A 173 12.48 4.55 14.52
CA LYS A 173 11.75 4.78 15.77
C LYS A 173 10.37 4.18 15.61
N VAL A 174 10.01 3.24 16.49
CA VAL A 174 8.74 2.55 16.36
C VAL A 174 7.73 2.99 17.43
N PHE A 175 6.78 3.82 17.02
CA PHE A 175 5.74 4.30 17.92
C PHE A 175 4.59 3.30 17.97
N ARG A 176 4.20 2.91 19.18
CA ARG A 176 3.13 1.94 19.36
C ARG A 176 1.95 2.53 20.14
N ASP A 177 1.86 3.85 20.12
CA ASP A 177 0.72 4.56 20.69
C ASP A 177 0.23 5.60 19.70
N VAL A 178 -0.37 5.15 18.60
CA VAL A 178 -0.86 6.03 17.56
C VAL A 178 -2.38 6.13 17.62
N ARG A 179 -2.88 7.30 18.00
CA ARG A 179 -4.31 7.45 18.30
C ARG A 179 -5.08 8.14 17.18
N LEU A 180 -6.33 7.72 17.00
CA LEU A 180 -7.21 8.29 15.98
C LEU A 180 -7.73 9.66 16.40
N VAL A 181 -7.48 10.66 15.56
CA VAL A 181 -7.87 12.03 15.87
C VAL A 181 -9.13 12.44 15.12
N ALA A 182 -9.16 12.17 13.81
CA ALA A 182 -10.27 12.63 12.97
C ALA A 182 -10.46 11.76 11.73
N ALA A 183 -11.68 11.78 11.20
CA ALA A 183 -12.02 11.07 9.98
C ALA A 183 -13.30 11.62 9.37
N PRO A 184 -13.30 11.83 8.04
CA PRO A 184 -14.49 12.29 7.33
C PRO A 184 -15.51 11.18 7.19
N PRO A 185 -16.79 11.53 6.93
CA PRO A 185 -17.80 10.50 6.68
C PRO A 185 -17.49 9.72 5.41
N SER A 186 -18.03 8.52 5.29
CA SER A 186 -17.74 7.65 4.15
C SER A 186 -18.15 8.28 2.82
N SER A 187 -19.19 9.09 2.84
CA SER A 187 -19.68 9.74 1.63
C SER A 187 -18.67 10.74 1.07
N ILE A 188 -17.71 11.13 1.90
CA ILE A 188 -16.66 12.05 1.50
C ILE A 188 -15.32 11.34 1.36
N GLY A 189 -14.99 10.52 2.36
CA GLY A 189 -13.73 9.80 2.39
C GLY A 189 -13.54 8.84 1.23
N LYS A 190 -14.64 8.36 0.66
CA LYS A 190 -14.59 7.47 -0.48
C LYS A 190 -15.74 7.72 -1.45
N PHE A 191 -15.92 8.98 -1.82
CA PHE A 191 -16.94 9.38 -2.79
C PHE A 191 -16.60 8.82 -4.17
N GLY A 192 -17.47 7.97 -4.69
CA GLY A 192 -17.26 7.31 -5.96
C GLY A 192 -16.07 6.36 -5.91
N SER A 193 -15.98 5.60 -4.83
CA SER A 193 -14.85 4.71 -4.60
C SER A 193 -14.81 3.53 -5.57
N ASP A 194 -15.99 3.15 -6.09
CA ASP A 194 -16.07 2.03 -7.01
C ASP A 194 -15.85 2.47 -8.46
N THR A 195 -16.66 3.42 -8.91
CA THR A 195 -16.63 3.88 -10.29
C THR A 195 -15.34 4.64 -10.62
N ASP A 196 -14.97 5.58 -9.75
CA ASP A 196 -13.83 6.44 -10.02
C ASP A 196 -12.51 5.86 -9.51
N ASN A 197 -12.52 4.57 -9.16
CA ASN A 197 -11.31 3.90 -8.69
C ASN A 197 -10.26 3.84 -9.78
N TRP A 198 -9.02 4.20 -9.42
CA TRP A 198 -7.92 4.28 -10.37
C TRP A 198 -8.23 5.21 -11.55
N ALA A 199 -9.05 6.23 -11.31
CA ALA A 199 -9.52 7.06 -12.41
C ALA A 199 -9.45 8.55 -12.12
N TRP A 200 -9.12 9.32 -13.15
CA TRP A 200 -9.18 10.77 -13.12
C TRP A 200 -10.09 11.22 -14.25
N PRO A 201 -10.95 12.23 -14.00
CA PRO A 201 -11.14 13.07 -12.82
C PRO A 201 -11.61 12.33 -11.56
N ARG A 202 -11.40 12.95 -10.41
CA ARG A 202 -11.80 12.36 -9.14
C ARG A 202 -12.23 13.45 -8.17
N HIS A 203 -13.16 13.11 -7.27
CA HIS A 203 -13.70 14.07 -6.33
C HIS A 203 -13.82 13.48 -4.93
N THR A 204 -12.75 12.82 -4.49
CA THR A 204 -12.75 12.10 -3.23
C THR A 204 -11.94 12.83 -2.15
N GLY A 205 -12.52 12.95 -0.96
CA GLY A 205 -11.83 13.52 0.18
C GLY A 205 -11.15 12.43 0.99
N ASP A 206 -10.19 11.75 0.36
CA ASP A 206 -9.53 10.60 0.95
C ASP A 206 -8.49 10.99 2.00
N PHE A 207 -8.89 11.03 3.26
CA PHE A 207 -7.94 11.28 4.34
C PHE A 207 -8.43 10.75 5.69
N SER A 208 -7.50 10.72 6.64
CA SER A 208 -7.81 10.41 8.04
C SER A 208 -6.67 10.96 8.90
N ILE A 209 -6.98 11.38 10.12
CA ILE A 209 -6.00 12.06 10.96
C ILE A 209 -5.68 11.28 12.23
N PHE A 210 -4.39 11.06 12.47
CA PHE A 210 -3.91 10.40 13.68
C PHE A 210 -2.92 11.29 14.42
N ARG A 211 -2.42 10.80 15.55
CA ARG A 211 -1.38 11.52 16.30
C ARG A 211 -0.44 10.55 17.02
N LEU A 212 0.86 10.83 16.92
CA LEU A 212 1.87 10.06 17.63
C LEU A 212 1.94 10.46 19.10
N TYR A 213 2.01 9.45 19.97
CA TYR A 213 2.22 9.68 21.39
C TYR A 213 3.53 9.04 21.84
N ALA A 214 4.11 9.56 22.91
CA ALA A 214 5.36 9.04 23.43
C ALA A 214 5.45 9.29 24.93
N ASP A 215 6.61 9.03 25.52
CA ASP A 215 6.80 9.28 26.94
C ASP A 215 7.03 10.77 27.18
N LYS A 216 7.35 11.12 28.42
CA LYS A 216 7.60 12.51 28.79
C LYS A 216 8.82 13.08 28.06
N ASN A 217 9.74 12.19 27.68
CA ASN A 217 10.96 12.61 27.01
C ASN A 217 10.85 12.59 25.49
N GLY A 218 9.76 12.00 24.98
CA GLY A 218 9.53 11.96 23.56
C GLY A 218 9.99 10.67 22.90
N ASN A 219 10.19 9.64 23.70
CA ASN A 219 10.64 8.35 23.19
C ASN A 219 9.47 7.38 22.98
N PRO A 220 9.52 6.61 21.88
CA PRO A 220 8.48 5.63 21.52
C PRO A 220 8.15 4.68 22.66
N ALA A 221 6.87 4.40 22.86
CA ALA A 221 6.42 3.55 23.95
C ALA A 221 5.05 2.96 23.69
N GLU A 222 4.72 1.89 24.42
CA GLU A 222 3.39 1.30 24.36
C GLU A 222 2.37 2.28 24.91
N TYR A 223 1.08 1.97 24.76
CA TYR A 223 0.05 2.85 25.29
C TYR A 223 0.16 3.01 26.80
N SER A 224 0.07 4.24 27.26
CA SER A 224 0.08 4.54 28.68
C SER A 224 -0.79 5.75 28.98
N LYS A 225 -1.40 5.75 30.16
CA LYS A 225 -2.22 6.86 30.63
C LYS A 225 -1.44 8.17 30.65
N ASP A 226 -0.13 8.07 30.91
CA ASP A 226 0.71 9.24 31.09
C ASP A 226 1.37 9.71 29.81
N ASN A 227 1.12 9.00 28.70
CA ASN A 227 1.71 9.37 27.42
C ASN A 227 1.22 10.72 26.94
N VAL A 228 2.13 11.49 26.36
CA VAL A 228 1.85 12.83 25.86
C VAL A 228 2.17 12.90 24.36
N PRO A 229 1.59 13.88 23.65
CA PRO A 229 1.85 14.00 22.21
C PRO A 229 3.34 14.05 21.87
N TYR A 230 3.72 13.35 20.81
CA TYR A 230 5.10 13.35 20.34
C TYR A 230 5.44 14.68 19.67
N ARG A 231 6.62 15.19 19.96
CA ARG A 231 7.06 16.45 19.38
C ARG A 231 8.22 16.21 18.43
N PRO A 232 7.90 16.13 17.12
CA PRO A 232 8.86 15.72 16.08
C PRO A 232 10.02 16.70 15.91
N LYS A 233 11.13 16.21 15.36
CA LYS A 233 12.27 17.05 15.03
C LYS A 233 11.87 18.05 13.97
N ARG A 234 10.97 17.61 13.08
CA ARG A 234 10.59 18.39 11.91
C ARG A 234 9.21 17.96 11.45
N TRP A 235 8.31 18.92 11.28
CA TRP A 235 6.99 18.65 10.75
C TRP A 235 6.75 19.52 9.53
N VAL A 236 5.96 19.01 8.58
CA VAL A 236 5.68 19.75 7.36
C VAL A 236 4.57 20.77 7.61
N LYS A 237 4.79 22.01 7.17
CA LYS A 237 3.81 23.07 7.34
C LYS A 237 2.80 23.06 6.18
N VAL A 238 1.54 23.35 6.51
CA VAL A 238 0.47 23.28 5.52
C VAL A 238 0.24 24.62 4.81
N ASN A 239 0.26 24.57 3.48
CA ASN A 239 0.03 25.75 2.66
C ASN A 239 -1.39 25.75 2.08
N ALA A 240 -2.08 26.88 2.20
CA ALA A 240 -3.46 26.96 1.73
C ALA A 240 -3.65 28.05 0.68
N GLN A 241 -2.56 28.43 0.03
CA GLN A 241 -2.61 29.45 -1.02
C GLN A 241 -3.05 28.84 -2.35
N GLY A 242 -2.82 27.55 -2.51
CA GLY A 242 -3.32 26.83 -3.67
C GLY A 242 -2.27 26.31 -4.64
N VAL A 243 -2.75 25.71 -5.73
CA VAL A 243 -1.87 25.14 -6.75
C VAL A 243 -2.25 25.62 -8.14
N LYS A 244 -1.27 25.61 -9.04
CA LYS A 244 -1.50 25.97 -10.43
C LYS A 244 -0.84 24.96 -11.34
N GLU A 245 -1.42 24.75 -12.52
CA GLU A 245 -0.83 23.87 -13.52
C GLU A 245 0.60 24.29 -13.82
N GLY A 246 1.52 23.34 -13.77
CA GLY A 246 2.91 23.62 -14.05
C GLY A 246 3.76 23.73 -12.80
N ASP A 247 3.11 23.81 -11.64
CA ASP A 247 3.82 23.92 -10.37
C ASP A 247 4.66 22.68 -10.07
N PHE A 248 5.81 22.91 -9.46
CA PHE A 248 6.66 21.82 -9.00
C PHE A 248 5.96 21.02 -7.91
N ALA A 249 6.11 19.71 -7.94
CA ALA A 249 5.46 18.84 -6.96
C ALA A 249 6.42 17.79 -6.43
N LEU A 250 6.68 17.83 -5.13
CA LEU A 250 7.57 16.87 -4.49
C LEU A 250 6.79 15.86 -3.66
N ILE A 251 7.02 14.58 -3.90
CA ILE A 251 6.37 13.53 -3.14
C ILE A 251 7.39 12.65 -2.42
N MET A 252 7.20 12.50 -1.12
CA MET A 252 8.02 11.60 -0.32
C MET A 252 7.13 10.52 0.29
N GLY A 253 7.63 9.29 0.35
CA GLY A 253 6.86 8.19 0.88
C GLY A 253 7.56 6.86 0.76
N TYR A 254 6.79 5.79 0.89
CA TYR A 254 7.35 4.45 0.88
C TYR A 254 6.72 3.58 -0.21
N PRO A 255 7.18 3.77 -1.46
CA PRO A 255 6.67 2.97 -2.59
C PRO A 255 7.01 1.50 -2.42
N GLY A 256 6.02 0.64 -2.63
CA GLY A 256 6.19 -0.78 -2.39
C GLY A 256 7.14 -1.48 -3.34
N THR A 257 6.71 -1.68 -4.58
CA THR A 257 7.48 -2.46 -5.54
C THR A 257 7.38 -1.93 -6.97
N THR A 258 8.54 -1.80 -7.61
CA THR A 258 8.61 -1.47 -9.04
C THR A 258 9.49 -2.49 -9.75
N TYR A 259 9.43 -2.51 -11.07
CA TYR A 259 10.16 -3.51 -11.86
C TYR A 259 10.84 -2.87 -13.07
N LYS A 260 11.66 -1.86 -12.81
CA LYS A 260 12.25 -1.05 -13.88
C LYS A 260 13.39 -1.74 -14.63
N PHE A 261 13.93 -2.80 -14.05
CA PHE A 261 15.06 -3.50 -14.66
C PHE A 261 14.63 -4.80 -15.33
N PHE A 262 13.36 -4.88 -15.71
CA PHE A 262 12.83 -6.11 -16.29
C PHE A 262 13.32 -6.36 -17.70
N THR A 263 13.91 -7.54 -17.91
CA THR A 263 14.30 -8.03 -19.22
C THR A 263 13.06 -8.15 -20.10
N ALA A 264 13.23 -7.99 -21.42
CA ALA A 264 12.14 -8.13 -22.38
C ALA A 264 11.32 -9.40 -22.14
N ASP A 265 12.01 -10.51 -21.87
CA ASP A 265 11.35 -11.78 -21.61
C ASP A 265 10.58 -11.76 -20.29
N GLU A 266 11.05 -10.95 -19.34
CA GLU A 266 10.35 -10.82 -18.06
C GLU A 266 9.05 -10.05 -18.24
N VAL A 267 9.02 -9.16 -19.23
CA VAL A 267 7.81 -8.42 -19.56
C VAL A 267 6.79 -9.35 -20.21
N THR A 268 7.27 -10.24 -21.07
CA THR A 268 6.41 -11.22 -21.74
C THR A 268 5.73 -12.13 -20.72
N GLU A 269 6.50 -12.60 -19.74
CA GLU A 269 5.96 -13.46 -18.70
C GLU A 269 4.91 -12.72 -17.86
N TRP A 270 5.24 -11.50 -17.47
CA TRP A 270 4.33 -10.66 -16.69
C TRP A 270 3.02 -10.43 -17.42
N SER A 271 3.11 -10.23 -18.73
CA SER A 271 1.93 -9.97 -19.55
C SER A 271 1.10 -11.24 -19.76
N GLU A 272 1.78 -12.34 -20.06
CA GLU A 272 1.10 -13.59 -20.36
C GLU A 272 0.57 -14.29 -19.11
N ILE A 273 1.27 -14.14 -17.99
CA ILE A 273 0.91 -14.84 -16.77
C ILE A 273 0.35 -13.92 -15.70
N ASP A 274 1.22 -13.08 -15.12
CA ASP A 274 0.84 -12.22 -14.01
C ASP A 274 -0.36 -11.32 -14.32
N ASN A 275 -0.26 -10.56 -15.42
CA ASN A 275 -1.27 -9.56 -15.73
C ASN A 275 -2.56 -10.16 -16.28
N ASN A 276 -2.45 -11.13 -17.17
CA ASN A 276 -3.61 -11.79 -17.77
C ASN A 276 -4.51 -12.45 -16.73
N ILE A 277 -3.89 -13.13 -15.77
CA ILE A 277 -4.63 -13.83 -14.73
C ILE A 277 -5.28 -12.83 -13.77
N ARG A 278 -4.62 -11.71 -13.52
CA ARG A 278 -5.18 -10.65 -12.71
C ARG A 278 -6.46 -10.09 -13.35
N ILE A 279 -6.38 -9.81 -14.64
CA ILE A 279 -7.51 -9.26 -15.38
C ILE A 279 -8.62 -10.32 -15.52
N GLU A 280 -8.22 -11.56 -15.71
CA GLU A 280 -9.18 -12.65 -15.86
C GLU A 280 -10.01 -12.86 -14.60
N MET A 281 -9.34 -12.89 -13.44
CA MET A 281 -10.03 -13.09 -12.17
C MET A 281 -10.89 -11.88 -11.81
N ARG A 282 -10.43 -10.71 -12.22
CA ARG A 282 -11.14 -9.47 -11.94
C ARG A 282 -12.40 -9.41 -12.81
N GLY A 283 -12.33 -10.02 -13.99
CA GLY A 283 -13.46 -10.07 -14.91
C GLY A 283 -14.61 -10.90 -14.37
N ILE A 284 -14.27 -12.02 -13.76
CA ILE A 284 -15.25 -12.90 -13.12
C ILE A 284 -15.99 -12.13 -12.03
N LEU A 285 -15.26 -11.24 -11.37
CA LEU A 285 -15.84 -10.46 -10.28
C LEU A 285 -16.92 -9.52 -10.77
N GLN A 286 -16.74 -8.96 -11.94
CA GLN A 286 -17.60 -7.85 -12.25
C GLN A 286 -18.73 -8.52 -13.06
N ASP A 287 -18.49 -9.78 -13.46
CA ASP A 287 -19.53 -10.66 -14.01
C ASP A 287 -20.50 -11.08 -12.92
N VAL A 288 -19.99 -11.41 -11.74
CA VAL A 288 -20.84 -11.76 -10.60
C VAL A 288 -21.63 -10.54 -10.16
N MET A 289 -20.97 -9.39 -10.18
CA MET A 289 -21.63 -8.12 -9.89
C MET A 289 -22.68 -7.80 -10.94
N LEU A 290 -22.45 -8.24 -12.17
CA LEU A 290 -23.33 -7.90 -13.28
C LEU A 290 -24.65 -8.67 -13.25
N ARG A 291 -24.67 -9.80 -12.55
CA ARG A 291 -25.93 -10.52 -12.38
C ARG A 291 -26.71 -9.91 -11.23
N GLU A 292 -26.54 -8.60 -11.06
CA GLU A 292 -27.52 -7.73 -10.42
C GLU A 292 -28.56 -7.45 -11.49
N MET A 293 -29.81 -7.24 -11.10
CA MET A 293 -30.86 -7.08 -12.11
C MET A 293 -31.44 -5.67 -12.12
N LEU A 294 -31.81 -5.16 -10.94
CA LEU A 294 -32.35 -3.82 -10.84
C LEU A 294 -32.13 -3.22 -9.45
N ARG A 326 2.41 4.41 -28.69
CA ARG A 326 2.58 3.70 -29.96
C ARG A 326 3.59 2.55 -29.81
N ARG A 327 4.40 2.63 -28.77
CA ARG A 327 5.41 1.61 -28.51
C ARG A 327 5.00 0.74 -27.33
N SER A 328 5.15 -0.57 -27.45
CA SER A 328 4.72 -1.50 -26.41
C SER A 328 5.71 -1.56 -25.26
N LEU A 329 5.27 -2.10 -24.13
CA LEU A 329 6.10 -2.22 -22.95
C LEU A 329 7.35 -3.07 -23.20
N ARG A 330 7.14 -4.22 -23.83
CA ARG A 330 8.25 -5.13 -24.12
C ARG A 330 9.28 -4.48 -25.04
N GLU A 331 8.80 -3.71 -26.01
CA GLU A 331 9.69 -3.02 -26.94
C GLU A 331 10.56 -2.00 -26.21
N ILE A 332 9.98 -1.30 -25.25
CA ILE A 332 10.71 -0.30 -24.46
C ILE A 332 11.80 -0.94 -23.62
N LYS A 333 11.47 -2.04 -22.94
CA LYS A 333 12.42 -2.71 -22.07
C LYS A 333 13.45 -3.50 -22.88
N LEU A 334 13.09 -3.88 -24.10
CA LEU A 334 14.02 -4.57 -24.99
C LEU A 334 15.09 -3.59 -25.49
N ALA A 335 14.68 -2.36 -25.74
CA ALA A 335 15.60 -1.32 -26.18
C ALA A 335 16.62 -1.00 -25.09
N GLN A 336 16.15 -0.89 -23.86
CA GLN A 336 17.03 -0.65 -22.72
C GLN A 336 17.94 -1.83 -22.48
N GLN A 337 17.41 -3.03 -22.70
CA GLN A 337 18.19 -4.26 -22.60
C GLN A 337 19.33 -4.27 -23.60
N GLN A 338 19.01 -3.99 -24.86
CA GLN A 338 20.00 -3.97 -25.93
C GLN A 338 21.01 -2.82 -25.74
N GLU A 339 20.55 -1.74 -25.12
CA GLU A 339 21.41 -0.59 -24.87
C GLU A 339 22.54 -0.94 -23.89
N VAL A 340 22.20 -1.76 -22.90
CA VAL A 340 23.19 -2.21 -21.92
C VAL A 340 24.06 -3.31 -22.53
N LEU A 341 23.45 -4.18 -23.32
CA LEU A 341 24.17 -5.27 -23.99
C LEU A 341 25.18 -4.73 -24.99
N ALA A 342 24.82 -3.65 -25.68
CA ALA A 342 25.72 -3.01 -26.64
C ALA A 342 26.86 -2.33 -25.90
N TRP A 343 26.60 -1.95 -24.65
CA TRP A 343 27.62 -1.34 -23.80
C TRP A 343 28.53 -2.38 -23.17
N ALA A 344 28.00 -3.58 -22.95
CA ALA A 344 28.76 -4.68 -22.36
C ALA A 344 29.77 -5.22 -23.36
N LYS A 345 29.27 -5.55 -24.55
CA LYS A 345 30.09 -5.65 -25.74
C LYS A 345 30.73 -4.26 -25.90
N GLN A 346 31.72 -4.12 -26.79
CA GLN A 346 32.41 -2.84 -27.02
C GLN A 346 33.36 -2.57 -25.83
N LYS A 347 33.19 -3.32 -24.74
CA LYS A 347 33.94 -3.12 -23.50
C LYS A 347 34.60 -4.41 -22.99
N GLY A 348 34.23 -5.56 -23.57
CA GLY A 348 34.83 -6.83 -23.19
C GLY A 348 34.07 -7.59 -22.12
N ILE A 349 32.95 -7.02 -21.70
CA ILE A 349 32.12 -7.64 -20.66
C ILE A 349 31.16 -8.67 -21.25
N ALA A 350 31.22 -9.89 -20.73
CA ALA A 350 30.39 -10.97 -21.24
C ALA A 350 29.27 -11.34 -20.27
N THR A 351 29.45 -10.99 -19.00
CA THR A 351 28.50 -11.37 -17.95
C THR A 351 27.10 -10.79 -18.15
N THR A 352 27.04 -9.58 -18.69
CA THR A 352 25.77 -8.92 -18.95
C THR A 352 24.90 -9.77 -19.86
N GLU A 353 25.55 -10.35 -20.85
CA GLU A 353 24.89 -11.10 -21.90
C GLU A 353 24.59 -12.51 -21.40
N GLU A 354 25.40 -12.99 -20.46
CA GLU A 354 25.16 -14.27 -19.80
C GLU A 354 23.95 -14.18 -18.87
N ALA A 355 23.79 -13.02 -18.24
CA ALA A 355 22.71 -12.80 -17.29
C ALA A 355 21.35 -12.78 -17.98
N VAL A 356 21.28 -12.13 -19.13
CA VAL A 356 20.04 -12.00 -19.88
C VAL A 356 19.46 -13.36 -20.27
N ARG A 357 20.33 -14.24 -20.78
CA ARG A 357 19.89 -15.58 -21.18
C ARG A 357 19.60 -16.45 -19.97
N ALA A 358 20.34 -16.23 -18.88
CA ALA A 358 20.11 -16.96 -17.63
C ALA A 358 18.73 -16.61 -17.07
N ILE A 359 18.36 -15.33 -17.20
CA ILE A 359 17.04 -14.88 -16.80
C ILE A 359 15.96 -15.56 -17.62
N SER A 360 16.11 -15.54 -18.95
CA SER A 360 15.15 -16.15 -19.86
C SER A 360 15.00 -17.65 -19.60
N LYS A 361 16.10 -18.30 -19.23
CA LYS A 361 16.09 -19.72 -18.93
C LYS A 361 15.22 -20.01 -17.71
N ALA A 362 15.34 -19.17 -16.69
CA ALA A 362 14.57 -19.33 -15.46
C ALA A 362 13.10 -19.01 -15.68
N ILE A 363 12.83 -18.07 -16.59
CA ILE A 363 11.47 -17.67 -16.90
C ILE A 363 10.65 -18.83 -17.46
N GLU A 364 11.22 -19.53 -18.45
CA GLU A 364 10.52 -20.64 -19.08
C GLU A 364 10.47 -21.86 -18.16
N GLY A 365 11.47 -22.00 -17.30
CA GLY A 365 11.53 -23.12 -16.39
C GLY A 365 10.43 -23.11 -15.36
N ARG A 366 10.06 -21.92 -14.91
CA ARG A 366 9.04 -21.78 -13.86
C ARG A 366 7.68 -21.40 -14.43
N GLN A 367 7.51 -21.60 -15.75
CA GLN A 367 6.27 -21.23 -16.43
C GLN A 367 5.04 -21.86 -15.79
N ASP A 368 5.13 -23.16 -15.48
CA ASP A 368 4.02 -23.87 -14.87
C ASP A 368 3.84 -23.48 -13.40
N LEU A 369 4.95 -23.33 -12.68
CA LEU A 369 4.92 -22.97 -11.28
C LEU A 369 4.36 -21.55 -11.09
N ARG A 370 4.85 -20.63 -11.92
CA ARG A 370 4.40 -19.23 -11.86
C ARG A 370 2.92 -19.11 -12.15
N MET A 371 2.46 -19.86 -13.14
CA MET A 371 1.06 -19.84 -13.54
C MET A 371 0.16 -20.33 -12.41
N ARG A 372 0.59 -21.38 -11.71
CA ARG A 372 -0.17 -21.93 -10.61
C ARG A 372 -0.15 -21.01 -9.39
N GLN A 373 0.96 -20.30 -9.20
CA GLN A 373 1.07 -19.33 -8.11
C GLN A 373 0.13 -18.16 -8.34
N ARG A 374 0.03 -17.73 -9.59
CA ARG A 374 -0.76 -16.55 -9.94
C ARG A 374 -2.26 -16.81 -9.88
N TYR A 375 -2.67 -18.02 -10.26
CA TYR A 375 -4.08 -18.38 -10.16
C TYR A 375 -4.51 -18.54 -8.70
N LEU A 376 -3.59 -19.04 -7.88
CA LEU A 376 -3.85 -19.20 -6.46
C LEU A 376 -3.88 -17.84 -5.77
N LEU A 377 -3.07 -16.91 -6.27
CA LEU A 377 -2.94 -15.59 -5.69
C LEU A 377 -4.07 -14.66 -6.12
N GLU A 378 -4.43 -14.71 -7.40
CA GLU A 378 -5.46 -13.83 -7.94
C GLU A 378 -6.86 -14.42 -7.80
N GLY A 379 -6.95 -15.74 -7.75
CA GLY A 379 -8.23 -16.42 -7.72
C GLY A 379 -8.76 -16.72 -6.33
N ILE A 380 -7.85 -17.03 -5.40
CA ILE A 380 -8.26 -17.50 -4.08
C ILE A 380 -7.76 -16.62 -2.93
N LEU A 381 -6.44 -16.46 -2.83
CA LEU A 381 -5.84 -15.65 -1.76
C LEU A 381 -6.41 -14.23 -1.78
N MET A 382 -6.53 -13.66 -2.97
CA MET A 382 -7.25 -12.41 -3.15
C MET A 382 -8.48 -12.69 -4.02
N GLY A 383 -9.63 -12.18 -3.60
CA GLY A 383 -10.87 -12.44 -4.31
C GLY A 383 -11.83 -13.26 -3.47
N ILE A 384 -11.31 -14.31 -2.84
CA ILE A 384 -12.10 -15.13 -1.92
C ILE A 384 -11.64 -14.87 -0.49
N GLU A 385 -12.47 -14.16 0.27
CA GLU A 385 -12.09 -13.74 1.62
C GLU A 385 -11.89 -14.93 2.57
N MET A 386 -12.45 -16.07 2.22
CA MET A 386 -12.33 -17.30 3.01
C MET A 386 -10.87 -17.69 3.29
N SER A 387 -9.96 -17.20 2.45
CA SER A 387 -8.55 -17.52 2.57
C SER A 387 -7.94 -16.98 3.87
N ASN A 388 -8.61 -16.01 4.49
CA ASN A 388 -8.14 -15.45 5.73
C ASN A 388 -9.07 -15.77 6.89
N ALA A 389 -9.67 -16.96 6.86
CA ALA A 389 -10.54 -17.43 7.92
C ALA A 389 -9.74 -17.74 9.18
N PRO A 390 -10.35 -17.52 10.36
CA PRO A 390 -9.69 -17.75 11.65
C PRO A 390 -9.16 -19.18 11.82
N ALA A 391 -8.02 -19.31 12.49
CA ALA A 391 -7.44 -20.61 12.79
C ALA A 391 -7.24 -20.75 14.30
N ALA A 392 -7.72 -21.85 14.86
CA ALA A 392 -7.60 -22.10 16.28
C ALA A 392 -6.15 -22.37 16.69
N ASP A 393 -5.67 -21.65 17.71
CA ASP A 393 -4.30 -21.84 18.18
C ASP A 393 -4.19 -23.05 19.08
N SER A 394 -3.00 -23.28 19.62
CA SER A 394 -2.73 -24.45 20.45
C SER A 394 -3.58 -24.47 21.73
N ASP A 395 -4.02 -23.28 22.16
CA ASP A 395 -4.84 -23.15 23.36
C ASP A 395 -6.25 -23.68 23.18
N ILE A 396 -6.67 -23.86 21.93
CA ILE A 396 -7.99 -24.40 21.64
C ILE A 396 -7.94 -25.92 21.52
N ALA A 397 -7.02 -26.41 20.70
CA ALA A 397 -6.82 -27.85 20.53
C ALA A 397 -6.31 -28.48 21.83
N ASP A 398 -5.21 -27.97 22.36
CA ASP A 398 -4.73 -28.38 23.67
C ASP A 398 -5.32 -27.43 24.71
N HIS A 399 -5.41 -27.90 25.94
CA HIS A 399 -5.78 -27.06 27.08
C HIS A 399 -7.20 -26.47 26.97
N TRP A 400 -8.11 -27.21 26.35
CA TRP A 400 -9.50 -26.77 26.27
C TRP A 400 -10.16 -26.90 27.64
N ASP A 401 -9.62 -27.80 28.45
CA ASP A 401 -10.13 -28.07 29.79
C ASP A 401 -9.71 -26.99 30.78
N ASP A 402 -8.66 -26.24 30.43
CA ASP A 402 -8.21 -25.10 31.22
C ASP A 402 -9.08 -23.90 30.86
N PRO A 403 -9.99 -23.52 31.77
CA PRO A 403 -11.02 -22.49 31.52
C PRO A 403 -10.45 -21.14 31.11
N ALA A 404 -9.48 -20.64 31.86
CA ALA A 404 -8.88 -19.34 31.58
C ALA A 404 -8.10 -19.35 30.26
N ARG A 405 -7.55 -20.52 29.92
CA ARG A 405 -6.81 -20.67 28.67
C ARG A 405 -7.75 -20.87 27.49
N ARG A 406 -8.91 -21.45 27.76
CA ARG A 406 -9.93 -21.65 26.75
C ARG A 406 -10.43 -20.31 26.20
N GLU A 407 -10.75 -19.40 27.11
CA GLU A 407 -11.25 -18.08 26.74
C GLU A 407 -10.20 -17.27 26.00
N ALA A 408 -8.94 -17.54 26.31
CA ALA A 408 -7.83 -16.88 25.62
C ALA A 408 -7.79 -17.30 24.16
N GLY A 409 -8.03 -18.58 23.91
CA GLY A 409 -8.08 -19.10 22.56
C GLY A 409 -9.31 -18.60 21.82
N LEU A 410 -10.42 -18.49 22.54
CA LEU A 410 -11.66 -17.96 21.99
C LEU A 410 -11.51 -16.49 21.66
N GLN A 411 -10.68 -15.79 22.44
CA GLN A 411 -10.40 -14.39 22.19
C GLN A 411 -9.58 -14.23 20.91
N SER A 412 -8.65 -15.17 20.70
CA SER A 412 -7.86 -15.20 19.48
C SER A 412 -8.76 -15.43 18.27
N ILE A 413 -9.73 -16.32 18.43
CA ILE A 413 -10.72 -16.59 17.38
C ILE A 413 -11.52 -15.35 17.06
N ARG A 414 -12.01 -14.68 18.11
CA ARG A 414 -12.79 -13.46 17.95
C ARG A 414 -11.97 -12.36 17.29
N LYS A 415 -10.70 -12.25 17.68
CA LYS A 415 -9.82 -11.24 17.12
C LYS A 415 -9.58 -11.49 15.64
N GLN A 416 -9.40 -12.76 15.27
CA GLN A 416 -9.18 -13.14 13.89
C GLN A 416 -10.41 -12.88 13.04
N PHE A 417 -11.60 -13.05 13.62
CA PHE A 417 -12.85 -12.88 12.89
C PHE A 417 -13.12 -11.42 12.55
N GLU A 418 -12.80 -10.53 13.48
CA GLU A 418 -13.01 -9.09 13.27
C GLU A 418 -12.09 -8.56 12.19
N ALA A 419 -10.88 -9.13 12.13
CA ALA A 419 -9.89 -8.73 11.12
C ALA A 419 -10.05 -9.57 9.86
N PHE A 420 -11.17 -10.26 9.74
CA PHE A 420 -11.44 -11.10 8.57
C PHE A 420 -12.71 -10.73 7.85
N PHE A 421 -13.73 -10.29 8.60
CA PHE A 421 -15.08 -10.36 8.08
C PHE A 421 -15.46 -9.37 6.98
N ASN A 422 -15.21 -8.07 7.18
CA ASN A 422 -15.57 -7.12 6.13
C ASN A 422 -14.58 -5.97 6.01
N LYS A 423 -13.53 -6.19 5.24
CA LYS A 423 -12.50 -5.17 5.03
C LYS A 423 -13.02 -3.92 4.32
N ASP A 424 -12.12 -2.98 4.06
CA ASP A 424 -12.48 -1.67 3.51
C ASP A 424 -12.98 -1.77 2.08
N TYR A 425 -12.04 -1.71 1.15
CA TYR A 425 -12.35 -1.81 -0.27
C TYR A 425 -11.95 -3.18 -0.81
N SER A 426 -12.97 -4.03 -0.98
CA SER A 426 -12.84 -5.43 -1.39
C SER A 426 -14.20 -6.13 -1.25
N PRO A 427 -14.92 -5.94 -0.12
CA PRO A 427 -16.31 -6.41 -0.12
C PRO A 427 -17.17 -5.73 -1.15
N GLU A 428 -17.61 -6.47 -2.17
CA GLU A 428 -18.42 -5.89 -3.24
C GLU A 428 -19.85 -6.38 -3.16
N VAL A 429 -20.02 -7.69 -3.27
CA VAL A 429 -21.36 -8.28 -3.34
C VAL A 429 -21.46 -9.57 -2.53
N GLU A 430 -22.43 -10.40 -2.91
CA GLU A 430 -22.69 -11.67 -2.25
C GLU A 430 -21.44 -12.55 -2.27
N LYS A 431 -20.96 -12.91 -1.08
CA LYS A 431 -19.69 -13.61 -0.93
C LYS A 431 -19.76 -15.08 -1.37
N ASP A 432 -20.89 -15.73 -1.12
CA ASP A 432 -21.04 -17.14 -1.47
C ASP A 432 -21.01 -17.33 -2.98
N GLN A 433 -21.69 -16.43 -3.71
CA GLN A 433 -21.75 -16.52 -5.16
C GLN A 433 -20.41 -16.12 -5.80
N LEU A 434 -19.70 -15.21 -5.16
CA LEU A 434 -18.41 -14.76 -5.65
C LEU A 434 -17.37 -15.87 -5.55
N ALA A 435 -17.34 -16.55 -4.41
CA ALA A 435 -16.39 -17.64 -4.18
C ALA A 435 -16.66 -18.81 -5.12
N ILE A 436 -17.93 -19.04 -5.41
CA ILE A 436 -18.34 -20.11 -6.32
C ILE A 436 -17.79 -19.88 -7.73
N ALA A 437 -17.93 -18.64 -8.21
CA ALA A 437 -17.50 -18.31 -9.57
C ALA A 437 -15.98 -18.34 -9.72
N LEU A 438 -15.27 -17.88 -8.69
CA LEU A 438 -13.81 -17.85 -8.72
C LEU A 438 -13.21 -19.25 -8.59
N LEU A 439 -13.77 -20.05 -7.70
CA LEU A 439 -13.24 -21.39 -7.45
C LEU A 439 -13.51 -22.32 -8.64
N THR A 440 -14.65 -22.10 -9.29
CA THR A 440 -14.99 -22.88 -10.47
C THR A 440 -13.99 -22.63 -11.58
N ARG A 441 -13.62 -21.36 -11.76
CA ARG A 441 -12.61 -20.99 -12.75
C ARG A 441 -11.25 -21.57 -12.39
N TYR A 442 -10.90 -21.48 -11.11
CA TYR A 442 -9.63 -21.99 -10.61
C TYR A 442 -9.51 -23.49 -10.88
N ALA A 443 -10.59 -24.22 -10.62
CA ALA A 443 -10.62 -25.67 -10.78
C ALA A 443 -10.45 -26.07 -12.24
N GLU A 444 -10.90 -25.21 -13.14
CA GLU A 444 -10.79 -25.47 -14.57
C GLU A 444 -9.37 -25.18 -15.07
N ARG A 445 -8.74 -24.16 -14.49
CA ARG A 445 -7.40 -23.77 -14.90
C ARG A 445 -6.32 -24.67 -14.30
N ILE A 446 -6.56 -25.13 -13.08
CA ILE A 446 -5.59 -25.98 -12.38
C ILE A 446 -6.15 -27.39 -12.18
N PRO A 447 -5.44 -28.40 -12.69
CA PRO A 447 -5.87 -29.81 -12.58
C PRO A 447 -5.94 -30.27 -11.13
N ALA A 448 -6.69 -31.34 -10.88
CA ALA A 448 -7.00 -31.80 -9.53
C ALA A 448 -5.76 -32.10 -8.68
N GLU A 449 -4.77 -32.76 -9.29
CA GLU A 449 -3.58 -33.18 -8.55
C GLU A 449 -2.67 -32.01 -8.19
N LYS A 450 -2.97 -30.83 -8.71
CA LYS A 450 -2.17 -29.64 -8.43
C LYS A 450 -2.96 -28.59 -7.66
N GLN A 451 -4.17 -28.95 -7.27
CA GLN A 451 -5.01 -28.07 -6.46
C GLN A 451 -4.67 -28.25 -4.97
N PRO A 452 -5.00 -27.24 -4.15
CA PRO A 452 -4.90 -27.42 -2.69
C PRO A 452 -5.71 -28.63 -2.22
N ILE A 453 -5.23 -29.30 -1.19
CA ILE A 453 -5.84 -30.55 -0.73
C ILE A 453 -7.32 -30.39 -0.38
N SER A 454 -7.66 -29.30 0.30
CA SER A 454 -9.05 -29.03 0.66
C SER A 454 -9.96 -28.90 -0.56
N ILE A 455 -9.43 -28.28 -1.61
CA ILE A 455 -10.21 -28.03 -2.81
C ILE A 455 -10.40 -29.30 -3.65
N ARG A 456 -9.31 -30.05 -3.83
CA ARG A 456 -9.37 -31.26 -4.64
C ARG A 456 -10.15 -32.37 -3.94
N GLU A 457 -10.16 -32.36 -2.61
CA GLU A 457 -10.91 -33.35 -1.84
C GLU A 457 -12.37 -32.95 -1.71
N GLY A 458 -12.60 -31.65 -1.60
CA GLY A 458 -13.96 -31.11 -1.49
C GLY A 458 -14.71 -31.27 -2.80
N ILE A 459 -14.06 -30.92 -3.90
CA ILE A 459 -14.63 -31.08 -5.23
C ILE A 459 -14.93 -32.55 -5.50
N ALA A 460 -14.05 -33.42 -5.03
CA ALA A 460 -14.21 -34.85 -5.25
C ALA A 460 -15.40 -35.43 -4.49
N GLU A 461 -15.67 -34.90 -3.30
CA GLU A 461 -16.73 -35.46 -2.46
C GLU A 461 -18.09 -34.81 -2.73
N TYR A 462 -18.08 -33.52 -3.09
CA TYR A 462 -19.32 -32.80 -3.32
C TYR A 462 -19.64 -32.65 -4.81
N GLY A 463 -18.72 -33.07 -5.65
CA GLY A 463 -18.95 -33.08 -7.08
C GLY A 463 -18.33 -31.91 -7.82
N SER A 464 -18.71 -30.69 -7.44
CA SER A 464 -18.23 -29.50 -8.11
C SER A 464 -17.62 -28.51 -7.13
N ALA A 465 -16.98 -27.48 -7.67
CA ALA A 465 -16.41 -26.41 -6.84
C ALA A 465 -17.54 -25.57 -6.24
N LYS A 466 -18.67 -25.55 -6.92
CA LYS A 466 -19.84 -24.83 -6.44
C LYS A 466 -20.42 -25.50 -5.19
N ALA A 467 -20.67 -26.80 -5.31
CA ALA A 467 -21.25 -27.57 -4.20
C ALA A 467 -20.33 -27.59 -2.99
N TYR A 468 -19.03 -27.51 -3.23
CA TYR A 468 -18.05 -27.49 -2.15
C TYR A 468 -18.12 -26.18 -1.38
N VAL A 469 -18.19 -25.06 -2.10
CA VAL A 469 -18.33 -23.75 -1.48
C VAL A 469 -19.67 -23.65 -0.75
N GLU A 470 -20.71 -24.19 -1.37
CA GLU A 470 -22.05 -24.19 -0.78
C GLU A 470 -22.05 -24.86 0.59
N MET A 471 -21.36 -25.99 0.69
CA MET A 471 -21.24 -26.71 1.96
C MET A 471 -20.59 -25.84 3.02
N ILE A 472 -19.50 -25.17 2.64
CA ILE A 472 -18.74 -24.36 3.56
C ILE A 472 -19.58 -23.23 4.15
N PHE A 473 -20.27 -22.48 3.30
CA PHE A 473 -21.12 -21.39 3.75
C PHE A 473 -22.38 -21.90 4.45
N ASP A 474 -22.62 -23.20 4.35
CA ASP A 474 -23.76 -23.82 5.02
C ASP A 474 -23.42 -24.25 6.44
N LYS A 475 -22.15 -24.59 6.68
CA LYS A 475 -21.74 -25.21 7.94
C LYS A 475 -20.79 -24.36 8.79
N SER A 476 -20.15 -23.38 8.18
CA SER A 476 -19.10 -22.62 8.88
C SER A 476 -19.65 -21.67 9.93
N ILE A 477 -18.87 -21.49 11.00
CA ILE A 477 -19.20 -20.52 12.05
C ILE A 477 -19.04 -19.11 11.51
N TYR A 478 -18.02 -18.90 10.68
CA TYR A 478 -17.59 -17.58 10.26
C TYR A 478 -18.34 -17.08 9.02
N ALA A 479 -19.33 -17.83 8.56
CA ALA A 479 -20.07 -17.46 7.36
C ALA A 479 -20.91 -16.20 7.57
N SER A 480 -21.14 -15.87 8.84
CA SER A 480 -21.93 -14.69 9.19
C SER A 480 -21.60 -14.21 10.60
N ARG A 481 -21.83 -12.93 10.86
CA ARG A 481 -21.62 -12.36 12.18
C ARG A 481 -22.59 -12.98 13.19
N GLU A 482 -23.85 -13.07 12.80
CA GLU A 482 -24.89 -13.63 13.67
C GLU A 482 -24.65 -15.11 13.91
N ARG A 483 -24.05 -15.78 12.93
CA ARG A 483 -23.68 -17.19 13.08
C ARG A 483 -22.54 -17.33 14.08
N PHE A 484 -21.56 -16.43 13.97
CA PHE A 484 -20.39 -16.45 14.86
C PHE A 484 -20.78 -16.19 16.30
N GLU A 485 -21.59 -15.15 16.52
CA GLU A 485 -22.01 -14.77 17.85
C GLU A 485 -22.93 -15.83 18.47
N GLU A 486 -23.71 -16.50 17.63
CA GLU A 486 -24.58 -17.57 18.08
C GLU A 486 -23.75 -18.76 18.55
N PHE A 487 -22.64 -18.99 17.86
CA PHE A 487 -21.75 -20.08 18.22
C PHE A 487 -20.90 -19.76 19.44
N MET A 488 -20.52 -18.50 19.58
CA MET A 488 -19.64 -18.07 20.65
C MET A 488 -20.35 -18.02 22.01
N LYS A 489 -21.64 -18.34 22.03
CA LYS A 489 -22.40 -18.35 23.28
C LYS A 489 -22.46 -19.75 23.88
N ASN A 490 -21.97 -20.73 23.12
CA ASN A 490 -21.83 -22.09 23.61
C ASN A 490 -20.83 -22.85 22.76
N PRO A 491 -19.55 -22.45 22.84
CA PRO A 491 -18.55 -23.04 21.94
C PRO A 491 -18.22 -24.48 22.27
N ASP A 492 -17.67 -25.19 21.29
CA ASP A 492 -17.14 -26.52 21.50
C ASP A 492 -15.87 -26.70 20.68
N ARG A 493 -14.92 -27.48 21.20
CA ARG A 493 -13.59 -27.62 20.63
C ARG A 493 -13.63 -28.17 19.21
N ASP A 494 -14.16 -29.38 19.09
CA ASP A 494 -14.57 -29.91 17.81
C ASP A 494 -15.60 -28.90 17.34
N ARG A 495 -15.60 -28.56 16.05
CA ARG A 495 -16.41 -27.49 15.42
C ARG A 495 -15.49 -26.33 15.04
N LEU A 496 -14.72 -25.87 16.03
CA LEU A 496 -13.67 -24.89 15.82
C LEU A 496 -12.49 -25.51 15.07
N LEU A 497 -12.17 -26.75 15.43
CA LEU A 497 -11.02 -27.46 14.86
C LEU A 497 -11.31 -27.95 13.44
N ARG A 498 -12.56 -28.31 13.18
CA ARG A 498 -12.92 -28.95 11.91
C ARG A 498 -13.82 -28.07 11.05
N ASP A 499 -13.80 -26.77 11.32
CA ASP A 499 -14.59 -25.83 10.54
C ASP A 499 -14.13 -25.81 9.09
N PRO A 500 -15.09 -25.95 8.16
CA PRO A 500 -14.83 -26.04 6.71
C PRO A 500 -14.08 -24.83 6.17
N MET A 501 -14.42 -23.64 6.65
CA MET A 501 -13.78 -22.42 6.15
C MET A 501 -12.36 -22.29 6.68
N SER A 502 -12.13 -22.78 7.90
CA SER A 502 -10.80 -22.77 8.50
C SER A 502 -9.87 -23.73 7.76
N ARG A 503 -10.39 -24.92 7.45
CA ARG A 503 -9.61 -25.91 6.73
C ARG A 503 -9.28 -25.43 5.32
N PHE A 504 -10.20 -24.67 4.74
CA PHE A 504 -9.99 -24.08 3.41
C PHE A 504 -8.79 -23.14 3.43
N ALA A 505 -8.79 -22.22 4.37
CA ALA A 505 -7.75 -21.20 4.48
C ALA A 505 -6.38 -21.83 4.75
N ALA A 506 -6.35 -22.89 5.55
CA ALA A 506 -5.11 -23.55 5.92
C ALA A 506 -4.49 -24.29 4.74
N SER A 507 -5.33 -25.02 4.01
CA SER A 507 -4.85 -25.82 2.87
C SER A 507 -4.46 -24.94 1.69
N VAL A 508 -5.15 -23.82 1.53
CA VAL A 508 -4.80 -22.85 0.50
C VAL A 508 -3.44 -22.22 0.82
N ALA A 509 -3.25 -21.87 2.08
CA ALA A 509 -1.99 -21.30 2.54
C ALA A 509 -0.85 -22.31 2.42
N TYR A 510 -1.16 -23.59 2.67
CA TYR A 510 -0.17 -24.65 2.60
C TYR A 510 0.31 -24.83 1.16
N GLU A 511 -0.61 -24.76 0.22
CA GLU A 511 -0.26 -24.85 -1.20
C GLU A 511 0.63 -23.69 -1.61
N HIS A 512 0.39 -22.52 -1.03
CA HIS A 512 1.12 -21.30 -1.37
C HIS A 512 2.58 -21.49 -1.06
N GLN A 513 2.85 -22.30 -0.05
CA GLN A 513 4.14 -22.33 0.58
C GLN A 513 4.86 -23.52 0.00
N LYS A 514 4.08 -24.52 -0.42
CA LYS A 514 4.58 -25.61 -1.26
C LYS A 514 5.05 -25.11 -2.63
N LEU A 515 4.33 -24.16 -3.21
CA LEU A 515 4.71 -23.60 -4.50
C LEU A 515 5.97 -22.76 -4.40
N ALA A 516 6.08 -21.98 -3.32
CA ALA A 516 7.23 -21.12 -3.10
C ALA A 516 8.52 -21.93 -2.93
N LYS A 517 8.43 -23.03 -2.19
CA LYS A 517 9.58 -23.91 -1.96
C LYS A 517 10.01 -24.60 -3.25
N GLU A 518 9.05 -24.82 -4.14
CA GLU A 518 9.30 -25.60 -5.35
C GLU A 518 9.75 -24.73 -6.52
N VAL A 519 9.25 -23.49 -6.57
CA VAL A 519 9.63 -22.56 -7.62
C VAL A 519 10.97 -21.90 -7.29
N ALA A 520 11.44 -22.10 -6.07
CA ALA A 520 12.69 -21.51 -5.61
C ALA A 520 13.89 -22.01 -6.41
N ALA A 521 13.73 -23.17 -7.05
CA ALA A 521 14.79 -23.74 -7.88
C ALA A 521 14.97 -22.95 -9.17
N PHE A 522 13.98 -22.11 -9.49
CA PHE A 522 14.05 -21.26 -10.66
C PHE A 522 14.24 -19.80 -10.28
N ASP A 523 13.72 -19.43 -9.11
CA ASP A 523 13.77 -18.05 -8.63
C ASP A 523 15.18 -17.65 -8.16
N ALA A 524 15.91 -18.61 -7.61
CA ALA A 524 17.27 -18.36 -7.15
C ALA A 524 18.25 -18.12 -8.31
N PRO A 525 18.20 -18.96 -9.38
CA PRO A 525 19.05 -18.60 -10.52
C PRO A 525 18.61 -17.30 -11.18
N LEU A 526 17.31 -17.01 -11.13
CA LEU A 526 16.78 -15.77 -11.67
C LEU A 526 17.30 -14.57 -10.90
N ALA A 527 17.27 -14.66 -9.58
CA ALA A 527 17.71 -13.58 -8.70
C ALA A 527 19.19 -13.28 -8.88
N ALA A 528 20.00 -14.32 -8.97
CA ALA A 528 21.44 -14.17 -9.15
C ALA A 528 21.75 -13.51 -10.50
N ALA A 529 21.01 -13.92 -11.52
CA ALA A 529 21.18 -13.36 -12.86
C ALA A 529 20.71 -11.91 -12.92
N GLN A 530 19.65 -11.61 -12.17
CA GLN A 530 19.15 -10.25 -12.08
C GLN A 530 20.19 -9.34 -11.43
N ARG A 531 20.81 -9.83 -10.37
CA ARG A 531 21.85 -9.08 -9.67
C ARG A 531 23.02 -8.77 -10.61
N SER A 532 23.35 -9.74 -11.46
CA SER A 532 24.42 -9.56 -12.43
C SER A 532 24.04 -8.53 -13.49
N TYR A 533 22.77 -8.56 -13.91
CA TYR A 533 22.30 -7.67 -14.95
C TYR A 533 22.22 -6.22 -14.47
N VAL A 534 21.68 -6.03 -13.27
CA VAL A 534 21.58 -4.69 -12.69
C VAL A 534 22.97 -4.14 -12.37
N ALA A 535 23.89 -5.05 -12.05
CA ALA A 535 25.28 -4.68 -11.80
C ALA A 535 25.90 -4.03 -13.04
N SER A 536 25.55 -4.56 -14.21
CA SER A 536 26.03 -4.01 -15.47
C SER A 536 25.41 -2.66 -15.75
N VAL A 537 24.12 -2.52 -15.45
CA VAL A 537 23.42 -1.25 -15.61
C VAL A 537 23.99 -0.22 -14.66
N LEU A 538 24.39 -0.67 -13.47
CA LEU A 538 25.03 0.20 -12.49
C LEU A 538 26.39 0.67 -12.98
N ASP A 539 27.15 -0.24 -13.59
CA ASP A 539 28.46 0.09 -14.14
C ASP A 539 28.34 1.08 -15.29
N MET A 540 27.27 0.96 -16.06
CA MET A 540 27.07 1.76 -17.26
C MET A 540 26.57 3.17 -16.94
N LYS A 541 25.59 3.27 -16.04
CA LYS A 541 24.92 4.53 -15.77
C LYS A 541 25.41 5.20 -14.48
N GLY A 542 26.06 4.44 -13.61
CA GLY A 542 26.54 4.98 -12.35
C GLY A 542 25.44 5.08 -11.32
N GLN A 543 25.75 4.66 -10.10
CA GLN A 543 24.78 4.66 -9.00
C GLN A 543 24.20 6.04 -8.64
N PRO A 544 25.03 7.11 -8.65
CA PRO A 544 24.43 8.42 -8.35
C PRO A 544 23.35 8.87 -9.35
N ASN A 545 23.31 8.27 -10.52
CA ASN A 545 22.34 8.67 -11.54
C ASN A 545 21.31 7.59 -11.84
N LEU A 546 21.25 6.58 -10.99
CA LEU A 546 20.32 5.47 -11.20
C LEU A 546 19.46 5.21 -9.97
N ALA A 547 18.15 5.39 -10.12
CA ALA A 547 17.21 5.13 -9.05
C ALA A 547 16.90 3.63 -8.95
N PRO A 548 16.98 3.07 -7.74
CA PRO A 548 16.71 1.66 -7.53
C PRO A 548 15.22 1.35 -7.53
N ASP A 549 14.86 0.08 -7.70
CA ASP A 549 13.47 -0.34 -7.59
C ASP A 549 12.95 -0.10 -6.18
N ALA A 550 11.66 0.20 -6.08
CA ALA A 550 11.02 0.40 -4.78
C ALA A 550 11.05 -0.88 -3.97
N ASN A 551 11.33 -0.76 -2.67
CA ASN A 551 11.31 -1.90 -1.77
C ASN A 551 10.73 -1.52 -0.42
N LEU A 552 9.69 -0.71 -0.45
CA LEU A 552 8.96 -0.28 0.74
C LEU A 552 9.86 0.49 1.72
N THR A 553 10.85 1.18 1.19
CA THR A 553 11.69 2.06 1.99
C THR A 553 11.48 3.51 1.59
N LEU A 554 12.02 4.44 2.37
CA LEU A 554 11.80 5.86 2.14
C LEU A 554 12.49 6.34 0.87
N ARG A 555 11.71 6.99 0.01
CA ARG A 555 12.21 7.52 -1.26
C ARG A 555 11.51 8.83 -1.61
N PHE A 556 12.13 9.63 -2.47
CA PHE A 556 11.49 10.85 -2.96
C PHE A 556 11.39 10.84 -4.49
N THR A 557 10.32 11.43 -5.00
CA THR A 557 10.14 11.59 -6.43
C THR A 557 9.48 12.93 -6.71
N TYR A 558 9.63 13.43 -7.93
CA TYR A 558 9.10 14.75 -8.26
C TYR A 558 8.58 14.84 -9.69
N GLY A 559 7.78 15.87 -9.93
CA GLY A 559 7.18 16.10 -11.23
C GLY A 559 6.42 17.41 -11.19
N GLU A 560 5.43 17.56 -12.07
CA GLU A 560 4.64 18.79 -12.09
C GLU A 560 3.14 18.50 -12.07
N ILE A 561 2.38 19.42 -11.47
CA ILE A 561 0.93 19.36 -11.51
C ILE A 561 0.46 19.64 -12.93
N LYS A 562 -0.19 18.65 -13.54
CA LYS A 562 -0.47 18.71 -14.96
C LYS A 562 -1.56 17.72 -15.38
N GLY A 563 -2.47 18.16 -16.24
CA GLY A 563 -3.50 17.30 -16.77
C GLY A 563 -3.01 16.55 -17.99
N TYR A 564 -3.92 15.96 -18.75
CA TYR A 564 -3.54 15.22 -19.95
C TYR A 564 -4.70 15.03 -20.92
N GLN A 565 -4.38 14.52 -22.11
CA GLN A 565 -5.39 14.21 -23.12
C GLN A 565 -5.62 12.71 -23.21
N PRO A 566 -6.73 12.24 -22.62
CA PRO A 566 -7.06 10.81 -22.61
C PRO A 566 -7.42 10.28 -24.00
N ARG A 567 -8.20 11.06 -24.75
CA ARG A 567 -8.63 10.67 -26.08
C ARG A 567 -8.77 11.91 -26.95
N ASP A 568 -9.15 11.69 -28.21
CA ASP A 568 -9.33 12.79 -29.15
C ASP A 568 -10.41 13.76 -28.68
N VAL A 569 -10.13 15.05 -28.83
CA VAL A 569 -11.06 16.15 -28.52
C VAL A 569 -11.25 16.38 -27.01
N VAL A 570 -10.84 15.42 -26.19
CA VAL A 570 -11.06 15.53 -24.75
C VAL A 570 -9.80 15.90 -23.97
N THR A 571 -9.91 16.91 -23.11
CA THR A 571 -8.80 17.35 -22.28
C THR A 571 -9.16 17.34 -20.80
N TYR A 572 -8.35 16.68 -19.99
CA TYR A 572 -8.54 16.68 -18.54
C TYR A 572 -7.68 17.74 -17.88
N GLY A 573 -8.31 18.61 -17.11
CA GLY A 573 -7.60 19.63 -16.36
C GLY A 573 -6.84 19.01 -15.20
N ALA A 574 -6.01 19.79 -14.53
CA ALA A 574 -5.20 19.28 -13.44
C ALA A 574 -5.95 19.31 -12.11
N LYS A 575 -6.99 20.14 -12.02
CA LYS A 575 -7.68 20.35 -10.74
C LYS A 575 -9.18 20.08 -10.82
N SER A 576 -9.73 19.51 -9.75
CA SER A 576 -11.16 19.27 -9.64
C SER A 576 -11.79 20.15 -8.57
N THR A 577 -13.08 20.40 -8.68
CA THR A 577 -13.77 21.29 -7.75
C THR A 577 -14.97 20.61 -7.09
N LEU A 578 -15.59 21.33 -6.15
CA LEU A 578 -16.74 20.82 -5.42
C LEU A 578 -17.96 20.70 -6.33
N GLU A 579 -17.98 21.50 -7.40
CA GLU A 579 -19.05 21.46 -8.37
C GLU A 579 -19.15 20.08 -9.02
N GLY A 580 -18.01 19.42 -9.16
CA GLY A 580 -17.96 18.09 -9.72
C GLY A 580 -18.64 17.06 -8.85
N VAL A 581 -18.57 17.25 -7.54
CA VAL A 581 -19.24 16.37 -6.59
C VAL A 581 -20.75 16.42 -6.79
N MET A 582 -21.27 17.64 -6.93
CA MET A 582 -22.70 17.86 -7.08
C MET A 582 -23.22 17.33 -8.42
N GLU A 583 -22.35 17.32 -9.42
CA GLU A 583 -22.70 16.79 -10.74
C GLU A 583 -22.83 15.27 -10.70
N LYS A 584 -22.07 14.64 -9.80
CA LYS A 584 -22.08 13.19 -9.69
C LYS A 584 -23.09 12.71 -8.65
N GLU A 585 -23.84 13.65 -8.06
CA GLU A 585 -24.77 13.33 -7.00
C GLU A 585 -25.89 12.40 -7.46
N ASP A 586 -25.98 11.24 -6.82
CA ASP A 586 -27.07 10.31 -7.06
C ASP A 586 -27.53 9.72 -5.74
N PRO A 587 -28.68 10.20 -5.23
CA PRO A 587 -29.23 9.79 -3.93
C PRO A 587 -29.45 8.28 -3.82
N ASN A 588 -29.54 7.60 -4.97
CA ASN A 588 -29.75 6.16 -4.98
C ASN A 588 -28.44 5.39 -5.12
N ASN A 589 -27.47 5.99 -5.79
CA ASN A 589 -26.14 5.41 -5.88
C ASN A 589 -25.34 5.77 -4.63
N TRP A 590 -25.16 4.79 -3.75
CA TRP A 590 -24.58 5.01 -2.43
C TRP A 590 -23.15 5.55 -2.51
N GLU A 591 -22.39 5.15 -3.53
CA GLU A 591 -21.03 5.65 -3.71
C GLU A 591 -21.04 7.12 -4.12
N TYR A 592 -22.21 7.63 -4.50
CA TYR A 592 -22.34 9.00 -4.96
C TYR A 592 -23.33 9.80 -4.11
N VAL A 593 -23.52 9.38 -2.87
CA VAL A 593 -24.37 10.11 -1.93
C VAL A 593 -23.64 11.37 -1.44
N VAL A 594 -24.31 12.51 -1.56
CA VAL A 594 -23.75 13.77 -1.10
C VAL A 594 -24.37 14.19 0.23
N ASP A 595 -23.53 14.39 1.24
CA ASP A 595 -23.98 14.80 2.56
C ASP A 595 -24.70 16.14 2.49
N PRO A 596 -25.87 16.24 3.14
CA PRO A 596 -26.69 17.45 3.18
C PRO A 596 -25.92 18.69 3.63
N LYS A 597 -25.02 18.51 4.59
CA LYS A 597 -24.20 19.61 5.09
C LYS A 597 -23.23 20.11 4.02
N LEU A 598 -22.62 19.19 3.30
CA LEU A 598 -21.69 19.52 2.23
C LEU A 598 -22.39 20.26 1.09
N LYS A 599 -23.61 19.84 0.79
CA LYS A 599 -24.40 20.46 -0.27
C LYS A 599 -24.83 21.87 0.14
N ALA A 600 -25.11 22.04 1.43
CA ALA A 600 -25.51 23.34 1.96
C ALA A 600 -24.34 24.33 1.88
N LEU A 601 -23.14 23.83 2.07
CA LEU A 601 -21.94 24.65 1.98
C LEU A 601 -21.69 25.10 0.54
N TYR A 602 -22.00 24.23 -0.40
CA TYR A 602 -21.82 24.53 -1.82
C TYR A 602 -22.77 25.63 -2.29
N GLU A 603 -24.02 25.57 -1.82
CA GLU A 603 -25.02 26.54 -2.23
C GLU A 603 -24.71 27.94 -1.71
N ALA A 604 -24.24 28.02 -0.46
CA ALA A 604 -23.94 29.30 0.16
C ALA A 604 -22.55 29.81 -0.19
N LYS A 605 -21.79 28.97 -0.89
CA LYS A 605 -20.40 29.28 -1.26
C LYS A 605 -19.54 29.57 -0.04
N ASN A 606 -19.91 28.96 1.09
CA ASN A 606 -19.17 29.14 2.34
C ASN A 606 -17.87 28.34 2.31
N TYR A 607 -16.88 28.86 1.60
CA TYR A 607 -15.60 28.17 1.43
C TYR A 607 -14.50 28.80 2.27
N GLY A 608 -14.56 30.11 2.44
CA GLY A 608 -13.53 30.84 3.16
C GLY A 608 -12.31 31.07 2.30
N ARG A 609 -11.13 31.04 2.93
CA ARG A 609 -9.89 31.25 2.21
C ARG A 609 -9.38 29.96 1.57
N TYR A 610 -10.16 28.90 1.68
CA TYR A 610 -9.76 27.60 1.15
C TYR A 610 -10.06 27.48 -0.34
N ALA A 611 -10.94 28.32 -0.84
CA ALA A 611 -11.39 28.25 -2.23
C ALA A 611 -10.30 28.66 -3.21
N ASN A 612 -10.42 28.19 -4.44
CA ASN A 612 -9.55 28.63 -5.53
C ASN A 612 -9.76 30.11 -5.81
N SER A 613 -8.81 30.72 -6.52
CA SER A 613 -8.89 32.14 -6.84
C SER A 613 -10.13 32.48 -7.64
N ASP A 614 -10.59 31.54 -8.47
CA ASP A 614 -11.76 31.77 -9.31
C ASP A 614 -13.07 31.58 -8.57
N GLY A 615 -12.99 31.29 -7.27
CA GLY A 615 -14.17 31.18 -6.43
C GLY A 615 -14.74 29.78 -6.33
N SER A 616 -14.03 28.81 -6.91
CA SER A 616 -14.46 27.42 -6.82
C SER A 616 -13.76 26.72 -5.67
N MET A 617 -14.41 25.71 -5.10
CA MET A 617 -13.85 24.98 -3.98
C MET A 617 -13.10 23.74 -4.46
N PRO A 618 -11.76 23.74 -4.32
CA PRO A 618 -10.91 22.65 -4.78
C PRO A 618 -11.17 21.33 -4.06
N VAL A 619 -10.97 20.22 -4.75
CA VAL A 619 -11.18 18.90 -4.16
C VAL A 619 -9.96 18.00 -4.37
N ASN A 620 -9.60 17.78 -5.64
CA ASN A 620 -8.44 16.97 -5.98
C ASN A 620 -7.59 17.61 -7.07
N PHE A 621 -6.35 17.16 -7.17
CA PHE A 621 -5.52 17.49 -8.32
C PHE A 621 -4.56 16.34 -8.65
N CYS A 622 -4.07 16.31 -9.88
CA CYS A 622 -3.19 15.24 -10.32
C CYS A 622 -1.81 15.77 -10.72
N ALA A 623 -0.81 14.89 -10.66
CA ALA A 623 0.56 15.28 -10.97
C ALA A 623 1.29 14.17 -11.72
N THR A 624 2.35 14.54 -12.43
CA THR A 624 3.11 13.59 -13.24
C THR A 624 4.09 12.76 -12.42
N THR A 625 4.02 12.91 -11.09
CA THR A 625 4.90 12.20 -10.18
C THR A 625 4.56 10.71 -10.13
N HIS A 626 5.58 9.86 -10.22
CA HIS A 626 5.39 8.42 -10.17
C HIS A 626 5.19 7.93 -8.74
N THR A 627 4.03 7.36 -8.48
CA THR A 627 3.75 6.73 -7.19
C THR A 627 3.17 5.34 -7.43
N THR A 628 3.29 4.47 -6.43
CA THR A 628 2.76 3.12 -6.52
C THR A 628 2.20 2.67 -5.18
N GLY A 629 1.79 1.41 -5.10
CA GLY A 629 1.26 0.85 -3.87
C GLY A 629 2.24 1.01 -2.72
N GLY A 630 1.81 1.70 -1.68
CA GLY A 630 2.68 2.02 -0.56
C GLY A 630 2.81 3.52 -0.41
N ASN A 631 2.62 4.24 -1.50
CA ASN A 631 2.64 5.70 -1.48
C ASN A 631 1.30 6.26 -0.99
N ALA A 632 0.38 5.37 -0.64
CA ALA A 632 -0.92 5.77 -0.12
C ALA A 632 -0.77 6.60 1.14
N GLY A 633 -1.10 7.89 1.05
CA GLY A 633 -1.01 8.79 2.17
C GLY A 633 0.25 9.64 2.15
N SER A 634 1.00 9.55 1.05
CA SER A 634 2.23 10.32 0.90
C SER A 634 1.96 11.81 0.82
N PRO A 635 2.77 12.60 1.52
CA PRO A 635 2.69 14.06 1.45
C PRO A 635 3.10 14.58 0.08
N VAL A 636 2.33 15.53 -0.45
CA VAL A 636 2.72 16.23 -1.67
C VAL A 636 3.05 17.67 -1.29
N MET A 637 4.23 18.13 -1.68
CA MET A 637 4.75 19.39 -1.15
C MET A 637 5.07 20.45 -2.20
N ASN A 638 5.16 21.69 -1.72
CA ASN A 638 5.47 22.84 -2.56
C ASN A 638 6.90 22.84 -3.08
N ALA A 639 7.25 23.87 -3.82
CA ALA A 639 8.63 24.12 -4.21
C ALA A 639 9.41 24.58 -2.99
N ARG A 640 8.68 24.98 -1.95
CA ARG A 640 9.28 25.42 -0.70
C ARG A 640 9.13 24.37 0.39
N GLY A 641 8.62 23.21 0.02
CA GLY A 641 8.52 22.09 0.94
C GLY A 641 7.36 22.19 1.92
N GLU A 642 6.31 22.90 1.53
CA GLU A 642 5.11 23.02 2.35
C GLU A 642 4.06 22.04 1.85
N LEU A 643 3.34 21.41 2.78
CA LEU A 643 2.34 20.40 2.41
C LEU A 643 1.26 21.02 1.53
N ILE A 644 1.08 20.42 0.35
CA ILE A 644 0.17 20.97 -0.63
C ILE A 644 -0.98 19.99 -0.91
N GLY A 645 -0.80 18.74 -0.49
CA GLY A 645 -1.82 17.73 -0.66
C GLY A 645 -1.39 16.35 -0.19
N LEU A 646 -2.33 15.40 -0.25
CA LEU A 646 -2.04 14.01 0.10
C LEU A 646 -2.35 13.08 -1.07
N ASN A 647 -1.38 12.26 -1.44
CA ASN A 647 -1.57 11.27 -2.49
C ASN A 647 -2.41 10.10 -2.00
N PHE A 648 -3.36 9.65 -2.81
CA PHE A 648 -4.22 8.54 -2.39
C PHE A 648 -4.55 7.55 -3.51
N ASP A 649 -4.18 7.89 -4.75
CA ASP A 649 -4.40 6.98 -5.87
C ASP A 649 -3.61 7.40 -7.12
N ARG A 650 -3.69 6.57 -8.15
CA ARG A 650 -3.11 6.89 -9.45
C ARG A 650 -4.11 6.53 -10.55
N ASN A 651 -4.01 7.18 -11.71
CA ASN A 651 -5.02 7.05 -12.75
C ASN A 651 -4.84 5.81 -13.63
N TRP A 652 -3.92 4.94 -13.22
CA TRP A 652 -3.68 3.69 -13.94
C TRP A 652 -3.64 2.53 -12.94
N GLU A 653 -4.12 1.36 -13.36
CA GLU A 653 -4.13 0.20 -12.49
C GLU A 653 -3.29 -0.93 -13.07
N GLY A 654 -3.01 -1.93 -12.25
CA GLY A 654 -2.05 -2.96 -12.61
C GLY A 654 -0.67 -2.44 -12.29
N VAL A 655 0.36 -3.24 -12.55
CA VAL A 655 1.70 -2.84 -12.20
C VAL A 655 2.48 -2.36 -13.43
N GLY A 656 1.80 -2.34 -14.57
CA GLY A 656 2.37 -1.94 -15.84
C GLY A 656 3.19 -0.65 -15.83
N GLY A 657 2.75 0.33 -15.06
CA GLY A 657 3.44 1.60 -14.96
C GLY A 657 4.67 1.53 -14.06
N ASP A 658 4.79 0.44 -13.30
CA ASP A 658 5.93 0.24 -12.42
C ASP A 658 7.09 -0.45 -13.15
N ILE A 659 6.78 -1.00 -14.32
CA ILE A 659 7.81 -1.59 -15.18
C ILE A 659 8.46 -0.47 -16.00
N GLU A 660 7.63 0.41 -16.52
CA GLU A 660 8.08 1.61 -17.22
C GLU A 660 7.05 2.71 -17.07
N TYR A 661 7.42 3.77 -16.35
CA TYR A 661 6.51 4.88 -16.11
C TYR A 661 6.29 5.68 -17.39
N LEU A 662 5.05 6.10 -17.62
CA LEU A 662 4.70 6.85 -18.81
C LEU A 662 4.03 8.17 -18.43
N PRO A 663 4.84 9.21 -18.17
CA PRO A 663 4.37 10.49 -17.64
C PRO A 663 3.47 11.26 -18.62
N ASN A 664 3.38 10.77 -19.86
CA ASN A 664 2.54 11.41 -20.86
C ASN A 664 1.06 11.38 -20.47
N TYR A 665 0.64 10.29 -19.84
CA TYR A 665 -0.76 10.15 -19.42
C TYR A 665 -0.90 9.62 -17.99
N GLN A 666 0.12 8.95 -17.49
CA GLN A 666 0.04 8.38 -16.15
C GLN A 666 0.23 9.44 -15.07
N ARG A 667 -0.76 9.55 -14.19
CA ARG A 667 -0.77 10.56 -13.14
C ARG A 667 -0.99 9.94 -11.77
N SER A 668 -0.54 10.64 -10.73
CA SER A 668 -0.89 10.28 -9.36
C SER A 668 -1.99 11.21 -8.88
N ILE A 669 -3.05 10.65 -8.32
CA ILE A 669 -4.22 11.43 -7.92
C ILE A 669 -4.11 11.86 -6.46
N ILE A 670 -4.23 13.17 -6.24
CA ILE A 670 -3.89 13.78 -4.95
C ILE A 670 -5.05 14.58 -4.36
N LEU A 671 -5.31 14.38 -3.07
CA LEU A 671 -6.28 15.19 -2.34
C LEU A 671 -5.74 16.59 -2.09
N ASP A 672 -6.51 17.60 -2.52
CA ASP A 672 -6.12 18.99 -2.27
C ASP A 672 -6.19 19.27 -0.77
N ILE A 673 -5.10 19.79 -0.21
CA ILE A 673 -5.01 20.01 1.23
C ILE A 673 -6.02 21.07 1.70
N ARG A 674 -6.41 21.96 0.80
CA ARG A 674 -7.41 22.98 1.12
C ARG A 674 -8.78 22.33 1.32
N TYR A 675 -9.02 21.23 0.61
CA TYR A 675 -10.26 20.49 0.76
C TYR A 675 -10.28 19.78 2.09
N LEU A 676 -9.12 19.28 2.50
CA LEU A 676 -8.97 18.63 3.80
C LEU A 676 -9.25 19.63 4.92
N LEU A 677 -8.68 20.82 4.80
CA LEU A 677 -8.89 21.89 5.77
C LEU A 677 -10.35 22.33 5.79
N PHE A 678 -10.95 22.39 4.60
CA PHE A 678 -12.35 22.77 4.44
C PHE A 678 -13.28 21.80 5.16
N ILE A 679 -12.99 20.51 5.06
CA ILE A 679 -13.79 19.48 5.70
C ILE A 679 -13.70 19.61 7.23
N ILE A 680 -12.50 19.88 7.73
CA ILE A 680 -12.30 20.07 9.16
C ILE A 680 -13.02 21.31 9.66
N ASP A 681 -12.89 22.41 8.93
CA ASP A 681 -13.42 23.70 9.36
C ASP A 681 -14.92 23.84 9.08
N LYS A 682 -15.27 24.03 7.81
CA LYS A 682 -16.62 24.40 7.44
C LYS A 682 -17.63 23.25 7.50
N PHE A 683 -17.15 22.02 7.39
CA PHE A 683 -18.04 20.86 7.41
C PHE A 683 -18.17 20.26 8.80
N ALA A 684 -17.04 20.04 9.45
CA ALA A 684 -17.02 19.36 10.75
C ALA A 684 -17.20 20.33 11.90
N GLY A 685 -16.57 21.49 11.81
CA GLY A 685 -16.63 22.48 12.87
C GLY A 685 -15.61 22.21 13.95
N CYS A 686 -14.62 21.38 13.64
CA CYS A 686 -13.54 21.07 14.57
C CYS A 686 -12.43 22.10 14.46
N GLN A 687 -12.67 23.27 15.03
CA GLN A 687 -11.73 24.39 14.95
C GLN A 687 -10.37 24.07 15.58
N ARG A 688 -10.39 23.19 16.58
CA ARG A 688 -9.19 22.81 17.31
C ARG A 688 -8.06 22.36 16.38
N LEU A 689 -8.40 21.66 15.30
CA LEU A 689 -7.39 21.08 14.42
C LEU A 689 -6.83 22.14 13.49
N ILE A 690 -7.67 23.08 13.10
CA ILE A 690 -7.23 24.20 12.27
C ILE A 690 -6.23 25.05 13.04
N ASP A 691 -6.54 25.35 14.30
CA ASP A 691 -5.68 26.17 15.14
C ASP A 691 -4.32 25.52 15.40
N GLU A 692 -4.29 24.19 15.39
CA GLU A 692 -3.05 23.46 15.59
C GLU A 692 -2.23 23.39 14.31
N ILE A 693 -2.91 23.07 13.21
CA ILE A 693 -2.26 22.97 11.91
C ILE A 693 -1.71 24.32 11.48
N GLN A 694 -2.50 25.37 11.67
CA GLN A 694 -2.14 26.73 11.28
C GLN A 694 -1.75 26.80 9.81
N PRO A 695 -2.73 26.66 8.91
CA PRO A 695 -2.46 26.73 7.47
C PRO A 695 -1.96 28.10 7.06
N GLN A 696 -0.81 28.16 6.41
CA GLN A 696 -0.24 29.43 5.98
C GLN A 696 -1.08 30.02 4.85
N PHE A 697 -1.66 31.19 5.11
CA PHE A 697 -2.61 31.84 4.21
C PHE A 697 -3.78 30.92 3.89
CA CA B . -5.54 28.72 -6.59
CL CL C . -16.97 24.63 -6.91
CL CL D . 4.80 -26.79 2.70
#